data_9D02
#
_entry.id   9D02
#
_cell.length_a   60.430
_cell.length_b   60.430
_cell.length_c   317.710
_cell.angle_alpha   90.000
_cell.angle_beta   90.000
_cell.angle_gamma   120.000
#
_symmetry.space_group_name_H-M   'P 65'
#
loop_
_entity.id
_entity.type
_entity.pdbx_description
1 polymer 'Threonine aspartase subunit beta,Threonine aspartase subunit alpha'
2 non-polymer 'CHLORIDE ION'
3 non-polymer 'SODIUM ION'
4 non-polymer (2R)-4-(ethenylsulfonyl)-1-{[3-fluoro-4-(trifluoromethoxy)phenyl]methyl}-2-{[(prop-2-yn-1-yl)oxy]methyl}piperazine
5 water water
#
_entity_poly.entity_id   1
_entity_poly.type   'polypeptide(L)'
_entity_poly.pdbx_seq_one_letter_code
;MTVGAVVVDHEGNVAAAVSSGGLALKHPGRVGQAALYGCGCWAENTGAHNPYSTAVSTSGCGEHLVRTILARECSHALQA
EDAHQALLETMQNKFISSPFLASEDGVLGGVIVLRSCRCSAEPDSSQNKQTLLVEFLWSHTTESMCVGYMSAQDGKAKTH
ISRLPPGAVAGQSVAIEGGVCRLEGSGSGGFVLVHAGAGYHSESKAKEYKHVCKRACQKAIEKLQAGALATDAVTAALVE
LEDSPFTNAGMGSNLNLLGEIECDASIMDGKSLNFGAVGALSGIKNPVSVANRLLCEGQKGKLSAGRIPPCFLVGEGAYR
WAVDHGIPSCPLEHHHHHH
;
_entity_poly.pdbx_strand_id   A,B
#
loop_
_chem_comp.id
_chem_comp.type
_chem_comp.name
_chem_comp.formula
CL non-polymer 'CHLORIDE ION' 'Cl -1'
NA non-polymer 'SODIUM ION' 'Na 1'
R1J non-polymer (2R)-4-(ethenylsulfonyl)-1-{[3-fluoro-4-(trifluoromethoxy)phenyl]methyl}-2-{[(prop-2-yn-1-yl)oxy]methyl}piperazine 'C18 H20 F4 N2 O4 S'
#
# COMPACT_ATOMS: atom_id res chain seq x y z
N THR A 2 -6.98 4.58 -16.22
CA THR A 2 -7.48 3.97 -14.99
C THR A 2 -8.99 4.00 -15.02
N VAL A 3 -9.60 2.85 -14.72
CA VAL A 3 -11.03 2.68 -14.64
C VAL A 3 -11.38 2.11 -13.28
N GLY A 4 -12.63 2.31 -12.87
CA GLY A 4 -13.03 1.88 -11.55
C GLY A 4 -14.52 1.75 -11.39
N ALA A 5 -14.91 0.99 -10.37
CA ALA A 5 -16.32 0.77 -10.08
C ALA A 5 -16.49 0.52 -8.60
N VAL A 6 -17.66 0.88 -8.08
CA VAL A 6 -18.05 0.55 -6.71
C VAL A 6 -19.48 0.05 -6.74
N VAL A 7 -19.78 -0.96 -5.91
CA VAL A 7 -21.09 -1.60 -5.95
C VAL A 7 -21.62 -1.74 -4.53
N VAL A 8 -22.94 -1.63 -4.38
CA VAL A 8 -23.60 -2.06 -3.16
C VAL A 8 -24.75 -2.97 -3.53
N ASP A 9 -24.90 -4.07 -2.79
CA ASP A 9 -25.97 -5.02 -3.08
C ASP A 9 -27.17 -4.67 -2.19
N HIS A 10 -28.24 -5.46 -2.31
CA HIS A 10 -29.49 -5.11 -1.64
C HIS A 10 -29.40 -5.22 -0.12
N GLU A 11 -28.33 -5.79 0.42
CA GLU A 11 -28.12 -5.93 1.85
C GLU A 11 -27.18 -4.89 2.42
N GLY A 12 -26.58 -4.04 1.60
CA GLY A 12 -25.56 -3.14 2.08
C GLY A 12 -24.14 -3.67 2.02
N ASN A 13 -23.94 -4.84 1.43
CA ASN A 13 -22.58 -5.31 1.15
C ASN A 13 -22.00 -4.52 0.00
N VAL A 14 -20.80 -4.00 0.19
CA VAL A 14 -20.15 -3.15 -0.80
C VAL A 14 -18.88 -3.83 -1.31
N ALA A 15 -18.48 -3.40 -2.50
CA ALA A 15 -17.22 -3.85 -3.09
C ALA A 15 -16.70 -2.73 -3.98
N ALA A 16 -15.39 -2.80 -4.25
CA ALA A 16 -14.73 -1.78 -5.06
C ALA A 16 -13.61 -2.45 -5.84
N ALA A 17 -13.31 -1.89 -7.01
CA ALA A 17 -12.25 -2.42 -7.85
C ALA A 17 -11.73 -1.30 -8.71
N VAL A 18 -10.50 -1.47 -9.18
CA VAL A 18 -9.80 -0.48 -10.00
C VAL A 18 -8.82 -1.26 -10.91
N SER A 19 -8.55 -0.70 -12.09
CA SER A 19 -7.69 -1.34 -13.09
C SER A 19 -7.02 -0.25 -13.90
N SER A 20 -5.75 -0.47 -14.28
CA SER A 20 -5.01 0.59 -14.95
C SER A 20 -3.87 0.01 -15.77
N GLY A 21 -3.49 0.76 -16.81
CA GLY A 21 -2.28 0.53 -17.58
C GLY A 21 -1.07 1.26 -17.06
N GLY A 22 -1.25 2.20 -16.11
CA GLY A 22 -0.12 2.93 -15.57
C GLY A 22 0.35 4.00 -16.54
N LEU A 23 1.47 4.62 -16.17
CA LEU A 23 2.02 5.74 -16.95
C LEU A 23 2.55 5.24 -18.29
N ALA A 24 2.33 6.05 -19.33
CA ALA A 24 2.92 5.78 -20.64
C ALA A 24 4.44 5.85 -20.55
N LEU A 25 5.11 4.93 -21.25
CA LEU A 25 6.58 4.85 -21.33
C LEU A 25 7.24 4.58 -19.97
N LYS A 26 6.49 4.04 -19.02
CA LYS A 26 7.05 3.72 -17.71
C LYS A 26 8.14 2.64 -17.83
N HIS A 27 9.05 2.64 -16.88
CA HIS A 27 10.05 1.58 -16.85
C HIS A 27 9.36 0.24 -16.61
N PRO A 28 9.79 -0.83 -17.26
CA PRO A 28 9.20 -2.16 -16.98
C PRO A 28 9.20 -2.44 -15.49
N GLY A 29 8.13 -3.06 -15.02
CA GLY A 29 8.01 -3.42 -13.62
C GLY A 29 7.54 -2.30 -12.70
N ARG A 30 7.26 -1.11 -13.22
CA ARG A 30 6.72 -0.06 -12.37
C ARG A 30 5.27 -0.36 -12.02
N VAL A 31 4.97 -0.35 -10.73
CA VAL A 31 3.61 -0.60 -10.22
C VAL A 31 3.08 0.69 -9.59
N GLY A 32 1.84 1.05 -9.90
CA GLY A 32 1.20 2.26 -9.37
C GLY A 32 0.00 1.95 -8.50
N GLN A 33 -0.89 2.93 -8.32
CA GLN A 33 -1.86 2.86 -7.22
C GLN A 33 -2.91 1.78 -7.43
N ALA A 34 -3.23 1.42 -8.67
CA ALA A 34 -4.29 0.47 -8.94
C ALA A 34 -4.01 -0.93 -8.38
N ALA A 35 -2.76 -1.21 -8.03
CA ALA A 35 -2.40 -2.50 -7.43
C ALA A 35 -2.23 -2.43 -5.93
N LEU A 36 -2.23 -1.24 -5.32
CA LEU A 36 -1.69 -1.10 -3.97
C LEU A 36 -2.81 -1.01 -2.95
N TYR A 37 -2.72 -1.88 -1.94
CA TYR A 37 -3.69 -1.90 -0.85
C TYR A 37 -3.87 -0.53 -0.22
N GLY A 38 -5.13 -0.13 -0.04
CA GLY A 38 -5.45 1.18 0.50
C GLY A 38 -5.42 2.32 -0.48
N CYS A 39 -4.72 2.20 -1.59
CA CYS A 39 -4.48 3.33 -2.48
C CYS A 39 -5.47 3.37 -3.64
N GLY A 40 -5.57 2.26 -4.38
CA GLY A 40 -6.38 2.24 -5.58
C GLY A 40 -7.86 2.09 -5.31
N CYS A 41 -8.24 1.30 -4.32
CA CYS A 41 -9.65 1.12 -3.99
C CYS A 41 -9.80 0.73 -2.53
N TRP A 42 -11.04 0.80 -2.04
CA TRP A 42 -11.31 0.42 -0.65
C TRP A 42 -12.79 0.06 -0.51
N ALA A 43 -13.07 -0.98 0.28
CA ALA A 43 -14.44 -1.35 0.57
C ALA A 43 -14.52 -1.87 2.00
N GLU A 44 -15.48 -1.37 2.74
CA GLU A 44 -15.59 -1.71 4.16
C GLU A 44 -17.05 -1.62 4.56
N ASN A 45 -17.66 -2.76 4.89
CA ASN A 45 -19.03 -2.79 5.38
C ASN A 45 -19.13 -2.10 6.74
N THR A 46 -20.36 -1.73 7.08
CA THR A 46 -20.62 -1.13 8.37
C THR A 46 -20.19 -2.08 9.50
N GLY A 47 -19.64 -1.49 10.55
CA GLY A 47 -19.24 -2.25 11.73
C GLY A 47 -19.32 -1.38 12.97
N ALA A 48 -18.77 -1.86 14.09
CA ALA A 48 -18.90 -1.13 15.34
C ALA A 48 -18.25 0.24 15.25
N HIS A 49 -17.05 0.32 14.68
CA HIS A 49 -16.31 1.57 14.62
C HIS A 49 -16.77 2.49 13.49
N ASN A 50 -17.50 1.97 12.48
CA ASN A 50 -17.91 2.85 11.39
C ASN A 50 -19.32 2.49 10.92
N PRO A 51 -20.27 3.42 11.02
CA PRO A 51 -21.69 3.06 10.83
C PRO A 51 -22.15 2.93 9.39
N TYR A 52 -21.33 3.32 8.43
CA TYR A 52 -21.70 3.21 7.01
C TYR A 52 -20.89 2.10 6.36
N SER A 53 -21.51 1.42 5.40
CA SER A 53 -20.76 0.63 4.43
C SER A 53 -20.24 1.58 3.36
N THR A 54 -18.95 1.51 3.06
CA THR A 54 -18.32 2.49 2.18
CA THR A 54 -18.30 2.49 2.20
C THR A 54 -17.43 1.79 1.16
N ALA A 55 -17.47 2.29 -0.07
CA ALA A 55 -16.66 1.76 -1.17
C ALA A 55 -16.10 2.92 -1.98
N VAL A 56 -14.83 2.81 -2.36
CA VAL A 56 -14.11 3.91 -3.00
C VAL A 56 -13.21 3.33 -4.09
N SER A 57 -13.19 3.97 -5.25
CA SER A 57 -12.23 3.59 -6.30
C SER A 57 -11.63 4.86 -6.86
N THR A 58 -10.35 4.82 -7.23
CA THR A 58 -9.63 6.00 -7.68
C THR A 58 -9.60 6.12 -9.20
N SER A 59 -9.23 7.33 -9.64
CA SER A 59 -9.01 7.65 -11.04
C SER A 59 -7.74 8.49 -11.12
N GLY A 60 -7.24 8.67 -12.35
CA GLY A 60 -5.93 9.26 -12.54
C GLY A 60 -4.85 8.22 -12.36
N CYS A 61 -3.59 8.64 -12.53
CA CYS A 61 -2.49 7.71 -12.31
CA CYS A 61 -2.43 7.76 -12.48
C CYS A 61 -1.31 8.47 -11.75
N GLY A 62 -0.17 7.80 -11.67
CA GLY A 62 1.02 8.38 -11.08
C GLY A 62 1.13 8.02 -9.61
N GLU A 63 1.99 8.78 -8.91
CA GLU A 63 2.27 8.47 -7.52
C GLU A 63 1.47 9.31 -6.54
N HIS A 64 0.71 10.31 -7.01
CA HIS A 64 -0.07 11.15 -6.11
C HIS A 64 -1.05 10.32 -5.28
N LEU A 65 -1.71 9.36 -5.92
CA LEU A 65 -2.72 8.57 -5.23
C LEU A 65 -2.10 7.55 -4.28
N VAL A 66 -0.88 7.09 -4.58
CA VAL A 66 -0.18 6.21 -3.65
C VAL A 66 0.23 6.97 -2.39
N ARG A 67 0.95 8.09 -2.55
CA ARG A 67 1.58 8.75 -1.41
C ARG A 67 0.54 9.16 -0.36
N THR A 68 -0.68 9.44 -0.77
CA THR A 68 -1.72 9.87 0.15
C THR A 68 -2.66 8.74 0.57
N ILE A 69 -2.43 7.51 0.09
CA ILE A 69 -3.30 6.36 0.39
C ILE A 69 -4.76 6.78 0.29
N LEU A 70 -5.14 7.31 -0.87
CA LEU A 70 -6.32 8.16 -0.97
C LEU A 70 -7.62 7.39 -0.77
N ALA A 71 -7.72 6.17 -1.33
CA ALA A 71 -8.99 5.46 -1.28
C ALA A 71 -9.38 5.15 0.14
N ARG A 72 -8.44 4.62 0.91
CA ARG A 72 -8.71 4.39 2.33
C ARG A 72 -9.00 5.70 3.06
N GLU A 73 -8.27 6.76 2.74
CA GLU A 73 -8.51 8.04 3.41
C GLU A 73 -9.92 8.53 3.18
N CYS A 74 -10.40 8.42 1.94
CA CYS A 74 -11.77 8.81 1.64
C CYS A 74 -12.76 7.96 2.41
N SER A 75 -12.51 6.65 2.49
CA SER A 75 -13.44 5.78 3.18
C SER A 75 -13.55 6.15 4.65
N HIS A 76 -12.42 6.48 5.29
CA HIS A 76 -12.47 6.85 6.68
C HIS A 76 -13.14 8.20 6.89
N ALA A 77 -12.92 9.15 5.99
CA ALA A 77 -13.58 10.44 6.14
C ALA A 77 -15.10 10.30 5.98
N LEU A 78 -15.55 9.41 5.09
CA LEU A 78 -16.97 9.21 4.84
C LEU A 78 -17.71 8.62 6.00
N GLN A 79 -17.05 8.38 7.14
CA GLN A 79 -17.78 8.01 8.33
C GLN A 79 -18.34 9.21 9.04
N ALA A 80 -18.04 10.42 8.57
CA ALA A 80 -18.66 11.61 9.12
C ALA A 80 -20.07 11.76 8.55
N GLU A 81 -20.87 12.58 9.22
CA GLU A 81 -22.28 12.71 8.86
C GLU A 81 -22.45 13.25 7.45
N ASP A 82 -21.84 14.40 7.18
CA ASP A 82 -21.96 15.07 5.88
C ASP A 82 -20.95 14.44 4.93
N ALA A 83 -21.43 13.55 4.05
CA ALA A 83 -20.53 12.86 3.13
C ALA A 83 -19.91 13.83 2.11
N HIS A 84 -20.71 14.75 1.58
CA HIS A 84 -20.21 15.71 0.60
C HIS A 84 -19.10 16.58 1.19
N GLN A 85 -19.33 17.13 2.38
CA GLN A 85 -18.28 17.93 3.04
C GLN A 85 -17.05 17.10 3.35
N ALA A 86 -17.24 15.85 3.78
CA ALA A 86 -16.10 15.01 4.15
C ALA A 86 -15.23 14.71 2.95
N LEU A 87 -15.84 14.40 1.81
CA LEU A 87 -15.06 14.11 0.63
C LEU A 87 -14.35 15.36 0.13
N LEU A 88 -15.05 16.51 0.13
CA LEU A 88 -14.43 17.73 -0.33
C LEU A 88 -13.22 18.10 0.53
N GLU A 89 -13.38 18.03 1.86
CA GLU A 89 -12.24 18.28 2.74
C GLU A 89 -11.08 17.33 2.45
N THR A 90 -11.39 16.06 2.22
CA THR A 90 -10.32 15.10 1.98
C THR A 90 -9.57 15.44 0.70
N MET A 91 -10.31 15.75 -0.37
CA MET A 91 -9.69 16.09 -1.64
C MET A 91 -8.83 17.35 -1.54
N GLN A 92 -9.32 18.33 -0.78
CA GLN A 92 -8.59 19.58 -0.64
C GLN A 92 -7.38 19.43 0.29
N ASN A 93 -7.58 18.79 1.43
CA ASN A 93 -6.59 18.82 2.52
C ASN A 93 -5.63 17.63 2.44
N LYS A 94 -6.16 16.43 2.21
CA LYS A 94 -5.32 15.24 2.20
C LYS A 94 -4.86 14.84 0.82
N PHE A 95 -5.36 15.48 -0.23
CA PHE A 95 -4.92 15.20 -1.58
C PHE A 95 -4.18 16.43 -2.13
N ILE A 96 -4.88 17.49 -2.49
CA ILE A 96 -4.26 18.64 -3.12
C ILE A 96 -3.19 19.24 -2.22
N SER A 97 -3.48 19.39 -0.93
CA SER A 97 -2.55 20.07 -0.03
C SER A 97 -1.76 19.10 0.84
N SER A 98 -1.70 17.85 0.46
CA SER A 98 -0.92 16.92 1.25
C SER A 98 0.53 17.42 1.31
N PRO A 99 1.20 17.29 2.47
CA PRO A 99 2.65 17.50 2.48
C PRO A 99 3.43 16.44 1.70
N PHE A 100 2.81 15.27 1.45
CA PHE A 100 3.45 14.20 0.69
C PHE A 100 3.58 14.56 -0.78
N LEU A 101 2.98 15.65 -1.22
CA LEU A 101 3.03 16.09 -2.61
C LEU A 101 3.46 17.54 -2.68
N ALA A 102 4.29 17.96 -1.72
CA ALA A 102 4.55 19.39 -1.53
C ALA A 102 5.34 19.97 -2.70
N SER A 103 6.46 19.35 -3.04
CA SER A 103 7.25 19.82 -4.18
C SER A 103 6.59 19.53 -5.52
N GLU A 104 5.41 18.92 -5.52
CA GLU A 104 4.71 18.64 -6.76
C GLU A 104 3.88 19.84 -7.16
N ASP A 105 4.00 20.22 -8.43
CA ASP A 105 3.26 21.35 -8.99
C ASP A 105 2.02 20.78 -9.68
N GLY A 106 0.91 20.73 -8.95
CA GLY A 106 -0.31 20.16 -9.47
C GLY A 106 -0.54 18.73 -9.02
N VAL A 107 -1.73 18.42 -8.55
CA VAL A 107 -2.07 17.08 -8.08
C VAL A 107 -3.29 16.62 -8.87
N LEU A 108 -3.14 15.54 -9.64
CA LEU A 108 -4.12 15.13 -10.65
C LEU A 108 -4.68 13.76 -10.28
N GLY A 109 -5.98 13.69 -10.05
CA GLY A 109 -6.59 12.42 -9.71
C GLY A 109 -8.05 12.60 -9.37
N GLY A 110 -8.68 11.53 -8.91
CA GLY A 110 -10.10 11.57 -8.59
C GLY A 110 -10.55 10.29 -7.92
N VAL A 111 -11.82 10.30 -7.50
CA VAL A 111 -12.44 9.18 -6.81
C VAL A 111 -13.90 9.08 -7.19
N ILE A 112 -14.40 7.83 -7.13
CA ILE A 112 -15.82 7.54 -7.05
C ILE A 112 -16.05 6.91 -5.69
N VAL A 113 -17.21 7.21 -5.12
CA VAL A 113 -17.51 6.83 -3.75
C VAL A 113 -18.96 6.42 -3.67
N LEU A 114 -19.26 5.45 -2.82
CA LEU A 114 -20.62 5.28 -2.36
C LEU A 114 -20.59 4.90 -0.90
N ARG A 115 -21.65 5.25 -0.19
CA ARG A 115 -21.81 4.77 1.17
C ARG A 115 -23.29 4.52 1.39
N SER A 116 -23.57 3.49 2.17
CA SER A 116 -24.94 3.08 2.40
C SER A 116 -25.18 2.86 3.88
N CYS A 117 -26.43 2.99 4.27
CA CYS A 117 -26.86 2.53 5.58
C CYS A 117 -28.34 2.19 5.50
N ARG A 118 -28.75 1.22 6.31
CA ARG A 118 -30.16 0.87 6.45
C ARG A 118 -30.86 1.95 7.26
N CYS A 119 -32.15 2.13 6.97
CA CYS A 119 -32.96 3.06 7.75
C CYS A 119 -34.30 2.43 8.10
N GLN A 130 -37.38 -2.36 5.98
CA GLN A 130 -35.97 -2.56 5.66
C GLN A 130 -35.62 -1.96 4.30
N THR A 131 -35.00 -0.77 4.32
CA THR A 131 -34.59 -0.07 3.11
C THR A 131 -33.15 0.41 3.27
N LEU A 132 -32.55 0.73 2.12
CA LEU A 132 -31.14 1.08 2.05
C LEU A 132 -30.99 2.46 1.41
N LEU A 133 -30.28 3.35 2.10
CA LEU A 133 -30.03 4.70 1.62
C LEU A 133 -28.61 4.74 1.07
N VAL A 134 -28.47 5.09 -0.21
CA VAL A 134 -27.18 5.08 -0.90
C VAL A 134 -26.83 6.51 -1.30
N GLU A 135 -25.70 6.99 -0.81
CA GLU A 135 -25.12 8.25 -1.27
C GLU A 135 -23.92 7.93 -2.13
N PHE A 136 -23.87 8.54 -3.31
CA PHE A 136 -22.78 8.29 -4.24
C PHE A 136 -22.25 9.63 -4.70
N LEU A 137 -20.92 9.71 -4.83
CA LEU A 137 -20.27 10.95 -5.21
C LEU A 137 -19.07 10.65 -6.09
N TRP A 138 -18.71 11.61 -6.94
CA TRP A 138 -17.43 11.58 -7.62
C TRP A 138 -16.76 12.92 -7.39
N SER A 139 -15.44 12.90 -7.43
CA SER A 139 -14.65 14.11 -7.23
C SER A 139 -13.35 13.93 -7.98
N HIS A 140 -12.82 15.03 -8.52
CA HIS A 140 -11.58 14.95 -9.28
C HIS A 140 -10.93 16.31 -9.36
N THR A 141 -9.61 16.31 -9.53
CA THR A 141 -8.83 17.52 -9.79
C THR A 141 -8.38 17.63 -11.22
N THR A 142 -8.68 16.62 -12.05
CA THR A 142 -8.46 16.67 -13.48
C THR A 142 -9.51 17.56 -14.16
N GLU A 143 -9.20 17.97 -15.38
CA GLU A 143 -10.16 18.71 -16.19
C GLU A 143 -11.50 18.00 -16.28
N SER A 144 -11.49 16.67 -16.43
CA SER A 144 -12.72 15.94 -16.67
C SER A 144 -12.65 14.56 -16.06
N MET A 145 -13.83 13.96 -15.93
CA MET A 145 -13.99 12.60 -15.46
C MET A 145 -15.33 12.12 -15.99
N CYS A 146 -15.37 10.89 -16.48
CA CYS A 146 -16.60 10.31 -17.00
C CYS A 146 -17.11 9.23 -16.05
N VAL A 147 -18.37 9.38 -15.61
CA VAL A 147 -18.97 8.43 -14.67
C VAL A 147 -20.26 7.90 -15.26
N GLY A 148 -20.67 6.74 -14.76
CA GLY A 148 -22.00 6.23 -15.01
C GLY A 148 -22.51 5.60 -13.73
N TYR A 149 -23.83 5.63 -13.56
CA TYR A 149 -24.37 5.03 -12.36
C TYR A 149 -25.76 4.47 -12.64
N MET A 150 -26.16 3.53 -11.80
CA MET A 150 -27.41 2.83 -12.06
C MET A 150 -27.81 2.07 -10.80
N SER A 151 -29.10 2.04 -10.54
CA SER A 151 -29.67 1.17 -9.52
C SER A 151 -30.52 0.12 -10.21
N ALA A 152 -30.70 -1.03 -9.56
CA ALA A 152 -31.48 -2.09 -10.18
C ALA A 152 -32.95 -1.71 -10.36
N GLN A 153 -33.45 -0.74 -9.58
CA GLN A 153 -34.84 -0.33 -9.72
C GLN A 153 -35.03 0.67 -10.85
N ASP A 154 -34.09 1.61 -11.06
CA ASP A 154 -34.31 2.61 -12.08
C ASP A 154 -34.22 2.03 -13.49
N GLY A 155 -33.43 0.95 -13.66
CA GLY A 155 -33.42 0.22 -14.91
C GLY A 155 -32.99 1.01 -16.13
N LYS A 156 -32.32 2.15 -15.92
CA LYS A 156 -31.73 2.92 -17.01
C LYS A 156 -30.46 3.55 -16.48
N ALA A 157 -29.32 3.17 -17.06
CA ALA A 157 -28.07 3.74 -16.61
C ALA A 157 -27.99 5.22 -16.97
N LYS A 158 -27.45 6.01 -16.06
CA LYS A 158 -27.20 7.44 -16.28
C LYS A 158 -25.70 7.62 -16.40
N THR A 159 -25.27 8.39 -17.40
CA THR A 159 -23.86 8.70 -17.59
C THR A 159 -23.67 10.22 -17.61
N HIS A 160 -22.48 10.65 -17.23
CA HIS A 160 -22.27 12.08 -17.04
C HIS A 160 -20.76 12.37 -17.12
N ILE A 161 -20.44 13.45 -17.81
CA ILE A 161 -19.06 13.91 -17.92
C ILE A 161 -18.90 15.09 -16.97
N SER A 162 -18.15 14.88 -15.90
CA SER A 162 -17.92 15.89 -14.87
C SER A 162 -16.74 16.75 -15.28
N ARG A 163 -16.92 18.06 -15.30
CA ARG A 163 -15.85 18.96 -15.70
C ARG A 163 -15.55 19.97 -14.59
N LEU A 164 -14.29 20.41 -14.54
CA LEU A 164 -13.96 21.54 -13.68
C LEU A 164 -14.62 22.81 -14.24
N PRO A 165 -15.19 23.65 -13.39
CA PRO A 165 -15.89 24.87 -13.87
C PRO A 165 -14.92 25.92 -14.41
N PRO A 166 -15.42 26.90 -15.16
CA PRO A 166 -14.55 28.01 -15.59
C PRO A 166 -13.91 28.68 -14.39
N GLY A 167 -12.66 29.10 -14.56
CA GLY A 167 -11.88 29.68 -13.48
C GLY A 167 -11.16 28.67 -12.63
N ALA A 168 -11.52 27.39 -12.70
CA ALA A 168 -10.78 26.38 -11.97
C ALA A 168 -9.44 26.12 -12.66
N VAL A 169 -8.51 25.54 -11.92
CA VAL A 169 -7.17 25.22 -12.43
C VAL A 169 -6.93 23.73 -12.21
N ALA A 170 -6.75 22.99 -13.30
CA ALA A 170 -6.50 21.55 -13.19
C ALA A 170 -5.29 21.28 -12.30
N GLY A 171 -5.40 20.26 -11.46
CA GLY A 171 -4.33 19.96 -10.53
C GLY A 171 -4.30 20.85 -9.30
N GLN A 172 -5.23 21.80 -9.20
CA GLN A 172 -5.27 22.70 -8.07
C GLN A 172 -6.66 22.94 -7.52
N SER A 173 -7.70 22.76 -8.34
CA SER A 173 -9.09 22.93 -7.96
C SER A 173 -9.74 21.56 -7.84
N VAL A 174 -10.88 21.52 -7.15
CA VAL A 174 -11.65 20.30 -6.95
C VAL A 174 -13.03 20.48 -7.55
N ALA A 175 -13.47 19.49 -8.32
CA ALA A 175 -14.87 19.39 -8.69
C ALA A 175 -15.48 18.24 -7.89
N ILE A 176 -16.74 18.40 -7.51
CA ILE A 176 -17.40 17.36 -6.72
C ILE A 176 -18.89 17.42 -7.01
N GLU A 177 -19.47 16.26 -7.34
CA GLU A 177 -20.90 16.13 -7.56
C GLU A 177 -21.35 14.80 -6.99
N GLY A 178 -22.67 14.64 -6.84
CA GLY A 178 -23.18 13.38 -6.37
C GLY A 178 -24.69 13.39 -6.25
N GLY A 179 -25.19 12.30 -5.68
CA GLY A 179 -26.61 12.12 -5.54
C GLY A 179 -26.92 11.15 -4.42
N VAL A 180 -28.20 10.90 -4.24
CA VAL A 180 -28.69 10.01 -3.20
C VAL A 180 -29.74 9.09 -3.82
N CYS A 181 -29.74 7.84 -3.39
CA CYS A 181 -30.61 6.82 -3.94
C CYS A 181 -31.12 5.95 -2.81
N ARG A 182 -32.43 5.74 -2.74
CA ARG A 182 -33.01 4.86 -1.74
C ARG A 182 -33.45 3.58 -2.43
N LEU A 183 -33.05 2.44 -1.86
CA LEU A 183 -33.33 1.14 -2.43
C LEU A 183 -34.26 0.36 -1.51
N GLU A 184 -35.06 -0.52 -2.10
CA GLU A 184 -35.80 -1.51 -1.33
C GLU A 184 -34.86 -2.68 -1.03
N GLY A 185 -34.39 -2.77 0.22
CA GLY A 185 -33.45 -3.81 0.60
C GLY A 185 -34.13 -5.15 0.81
N SER A 186 -35.23 -5.36 0.09
CA SER A 186 -36.07 -6.55 0.20
C SER A 186 -35.85 -7.51 -0.96
N GLY A 187 -35.69 -7.00 -2.17
CA GLY A 187 -35.61 -7.84 -3.34
C GLY A 187 -34.20 -8.33 -3.61
N SER A 188 -33.70 -8.06 -4.81
CA SER A 188 -32.35 -8.43 -5.23
C SER A 188 -31.65 -7.25 -5.89
N GLY A 189 -31.92 -6.03 -5.41
CA GLY A 189 -31.45 -4.82 -6.05
C GLY A 189 -30.04 -4.42 -5.65
N GLY A 190 -29.76 -3.15 -5.84
CA GLY A 190 -28.42 -2.63 -5.62
C GLY A 190 -28.18 -1.40 -6.46
N PHE A 191 -26.93 -0.95 -6.45
CA PHE A 191 -26.53 0.28 -7.10
C PHE A 191 -25.07 0.16 -7.50
N VAL A 192 -24.72 0.70 -8.66
CA VAL A 192 -23.34 0.72 -9.14
C VAL A 192 -23.01 2.13 -9.63
N LEU A 193 -21.76 2.54 -9.38
CA LEU A 193 -21.16 3.75 -9.92
C LEU A 193 -19.81 3.37 -10.50
N VAL A 194 -19.54 3.79 -11.74
CA VAL A 194 -18.29 3.43 -12.43
C VAL A 194 -17.68 4.71 -12.96
N HIS A 195 -16.41 4.63 -13.36
CA HIS A 195 -15.78 5.71 -14.10
C HIS A 195 -14.83 5.15 -15.14
N ALA A 196 -14.76 5.82 -16.30
CA ALA A 196 -13.91 5.40 -17.40
C ALA A 196 -12.58 6.12 -17.44
N GLY A 197 -12.30 6.97 -16.47
CA GLY A 197 -11.03 7.67 -16.40
C GLY A 197 -11.25 9.12 -16.00
N ALA A 198 -10.20 9.72 -15.42
CA ALA A 198 -10.20 11.15 -15.11
C ALA A 198 -8.93 11.75 -15.69
N GLY A 199 -9.09 12.75 -16.56
CA GLY A 199 -7.96 13.38 -17.22
C GLY A 199 -8.34 14.56 -18.08
N TYR A 200 -7.63 14.71 -19.20
CA TYR A 200 -7.89 15.80 -20.12
C TYR A 200 -9.24 15.60 -20.79
N HIS A 201 -9.95 16.69 -21.04
CA HIS A 201 -11.23 16.59 -21.75
C HIS A 201 -11.00 16.19 -23.20
N SER A 202 -11.90 15.37 -23.72
CA SER A 202 -11.86 14.97 -25.13
C SER A 202 -13.29 15.03 -25.65
N GLU A 203 -13.59 16.04 -26.49
CA GLU A 203 -14.94 16.15 -27.06
C GLU A 203 -15.27 14.93 -27.90
N SER A 204 -14.36 14.54 -28.78
CA SER A 204 -14.53 13.26 -29.43
C SER A 204 -14.23 12.16 -28.43
N LYS A 205 -14.78 10.97 -28.69
CA LYS A 205 -14.67 9.84 -27.77
C LYS A 205 -15.36 10.08 -26.43
N ALA A 206 -15.85 11.30 -26.18
CA ALA A 206 -16.68 11.53 -25.01
C ALA A 206 -17.90 10.63 -25.01
N LYS A 207 -18.55 10.48 -26.16
CA LYS A 207 -19.66 9.55 -26.31
C LYS A 207 -19.22 8.09 -26.06
N GLU A 208 -18.01 7.73 -26.49
CA GLU A 208 -17.58 6.35 -26.29
C GLU A 208 -17.30 6.07 -24.82
N TYR A 209 -16.79 7.05 -24.08
CA TYR A 209 -16.58 6.87 -22.64
C TYR A 209 -17.91 6.73 -21.91
N LYS A 210 -18.91 7.53 -22.29
CA LYS A 210 -20.23 7.43 -21.68
C LYS A 210 -20.87 6.09 -21.97
N HIS A 211 -20.74 5.61 -23.20
CA HIS A 211 -21.37 4.35 -23.56
C HIS A 211 -20.69 3.15 -22.88
N VAL A 212 -19.36 3.18 -22.69
CA VAL A 212 -18.77 2.06 -21.96
C VAL A 212 -19.18 2.13 -20.48
N CYS A 213 -19.35 3.33 -19.93
CA CYS A 213 -19.85 3.44 -18.55
C CYS A 213 -21.27 2.91 -18.45
N LYS A 214 -22.12 3.23 -19.43
CA LYS A 214 -23.48 2.69 -19.46
C LYS A 214 -23.46 1.17 -19.49
N ARG A 215 -22.68 0.59 -20.42
CA ARG A 215 -22.60 -0.87 -20.50
C ARG A 215 -22.02 -1.48 -19.23
N ALA A 216 -21.01 -0.84 -18.63
CA ALA A 216 -20.45 -1.41 -17.40
C ALA A 216 -21.49 -1.45 -16.29
N CYS A 217 -22.25 -0.36 -16.12
CA CYS A 217 -23.31 -0.35 -15.12
C CYS A 217 -24.30 -1.46 -15.36
N GLN A 218 -24.70 -1.66 -16.62
CA GLN A 218 -25.68 -2.68 -16.93
C GLN A 218 -25.18 -4.07 -16.58
N LYS A 219 -23.89 -4.33 -16.84
CA LYS A 219 -23.35 -5.65 -16.51
C LYS A 219 -23.36 -5.90 -15.01
N ALA A 220 -22.97 -4.89 -14.22
CA ALA A 220 -23.01 -5.02 -12.77
C ALA A 220 -24.43 -5.21 -12.28
N ILE A 221 -25.38 -4.43 -12.81
CA ILE A 221 -26.77 -4.55 -12.38
C ILE A 221 -27.31 -5.93 -12.73
N GLU A 222 -26.99 -6.42 -13.93
CA GLU A 222 -27.45 -7.75 -14.32
C GLU A 222 -26.87 -8.82 -13.39
N LYS A 223 -25.61 -8.69 -13.00
CA LYS A 223 -25.04 -9.66 -12.06
C LYS A 223 -25.79 -9.63 -10.74
N LEU A 224 -26.03 -8.43 -10.21
CA LEU A 224 -26.79 -8.30 -8.97
C LEU A 224 -28.17 -8.91 -9.10
N GLN A 225 -28.84 -8.68 -10.25
CA GLN A 225 -30.18 -9.21 -10.43
C GLN A 225 -30.19 -10.73 -10.61
N ALA A 226 -29.04 -11.34 -10.87
CA ALA A 226 -28.91 -12.79 -10.93
C ALA A 226 -28.41 -13.38 -9.62
N GLY A 227 -28.34 -12.59 -8.55
CA GLY A 227 -27.94 -13.08 -7.24
C GLY A 227 -26.45 -13.09 -6.98
N ALA A 228 -25.65 -12.39 -7.79
CA ALA A 228 -24.21 -12.45 -7.66
C ALA A 228 -23.73 -11.65 -6.45
N LEU A 229 -22.54 -12.00 -5.98
CA LEU A 229 -21.88 -11.25 -4.93
C LEU A 229 -21.48 -9.87 -5.45
N ALA A 230 -21.39 -8.90 -4.53
CA ALA A 230 -20.98 -7.57 -4.93
C ALA A 230 -19.62 -7.58 -5.61
N THR A 231 -18.72 -8.47 -5.17
CA THR A 231 -17.40 -8.55 -5.81
C THR A 231 -17.53 -9.05 -7.25
N ASP A 232 -18.39 -10.01 -7.50
CA ASP A 232 -18.59 -10.46 -8.88
C ASP A 232 -19.25 -9.39 -9.74
N ALA A 233 -20.14 -8.58 -9.16
CA ALA A 233 -20.78 -7.53 -9.95
C ALA A 233 -19.79 -6.41 -10.26
N VAL A 234 -18.99 -6.00 -9.29
CA VAL A 234 -18.04 -4.93 -9.56
C VAL A 234 -16.97 -5.41 -10.55
N THR A 235 -16.65 -6.70 -10.54
CA THR A 235 -15.69 -7.23 -11.51
C THR A 235 -16.25 -7.22 -12.92
N ALA A 236 -17.53 -7.58 -13.07
CA ALA A 236 -18.14 -7.56 -14.39
C ALA A 236 -18.21 -6.13 -14.94
N ALA A 237 -18.40 -5.13 -14.09
CA ALA A 237 -18.32 -3.76 -14.59
C ALA A 237 -16.90 -3.44 -15.06
N LEU A 238 -15.88 -3.83 -14.29
CA LEU A 238 -14.53 -3.47 -14.70
C LEU A 238 -14.09 -4.19 -15.96
N VAL A 239 -14.54 -5.44 -16.17
CA VAL A 239 -14.20 -6.14 -17.40
C VAL A 239 -14.68 -5.35 -18.61
N GLU A 240 -15.90 -4.79 -18.52
CA GLU A 240 -16.41 -3.97 -19.61
C GLU A 240 -15.57 -2.74 -19.81
N LEU A 241 -15.20 -2.08 -18.71
CA LEU A 241 -14.42 -0.85 -18.80
C LEU A 241 -13.02 -1.15 -19.35
N GLU A 242 -12.39 -2.22 -18.85
CA GLU A 242 -11.08 -2.63 -19.37
C GLU A 242 -11.14 -2.86 -20.88
N ASP A 243 -12.18 -3.55 -21.36
CA ASP A 243 -12.26 -3.97 -22.75
C ASP A 243 -12.43 -2.83 -23.74
N SER A 244 -12.72 -1.63 -23.28
CA SER A 244 -12.81 -0.52 -24.22
C SER A 244 -11.42 -0.16 -24.71
N PRO A 245 -11.19 -0.04 -26.00
CA PRO A 245 -9.86 0.38 -26.47
C PRO A 245 -9.49 1.79 -26.05
N PHE A 246 -10.46 2.60 -25.61
CA PHE A 246 -10.20 3.99 -25.26
C PHE A 246 -9.78 4.19 -23.81
N THR A 247 -9.86 3.16 -22.95
CA THR A 247 -9.46 3.29 -21.57
C THR A 247 -8.05 2.75 -21.35
N ASN A 248 -7.31 3.42 -20.46
CA ASN A 248 -5.96 2.98 -20.10
C ASN A 248 -6.05 1.88 -19.04
N ALA A 249 -6.48 0.70 -19.48
CA ALA A 249 -6.65 -0.49 -18.64
C ALA A 249 -7.01 -1.64 -19.56
N GLY A 250 -6.56 -2.84 -19.21
CA GLY A 250 -6.78 -3.98 -20.08
C GLY A 250 -6.35 -3.67 -21.50
N MET A 251 -7.22 -3.99 -22.46
CA MET A 251 -6.99 -3.70 -23.88
C MET A 251 -6.80 -2.21 -24.12
N GLY A 252 -5.71 -1.85 -24.83
CA GLY A 252 -5.42 -0.46 -25.10
C GLY A 252 -4.62 0.25 -24.01
N SER A 253 -4.12 -0.48 -23.01
CA SER A 253 -3.29 0.14 -21.99
C SER A 253 -2.08 0.83 -22.62
N ASN A 254 -1.69 1.95 -22.03
CA ASN A 254 -0.43 2.60 -22.38
C ASN A 254 0.72 1.60 -22.45
N LEU A 255 1.57 1.77 -23.46
CA LEU A 255 2.77 0.93 -23.59
C LEU A 255 3.89 1.46 -22.70
N ASN A 256 4.68 0.54 -22.14
CA ASN A 256 5.77 0.94 -21.26
C ASN A 256 6.99 1.29 -22.11
N LEU A 257 8.14 1.52 -21.45
CA LEU A 257 9.34 1.97 -22.16
C LEU A 257 9.79 0.99 -23.23
N LEU A 258 9.51 -0.29 -23.06
CA LEU A 258 9.93 -1.29 -24.03
C LEU A 258 8.81 -1.62 -25.00
N GLY A 259 7.75 -0.82 -25.01
CA GLY A 259 6.65 -1.07 -25.93
C GLY A 259 5.75 -2.19 -25.50
N GLU A 260 5.72 -2.52 -24.22
CA GLU A 260 4.92 -3.64 -23.74
C GLU A 260 3.87 -3.15 -22.75
N ILE A 261 2.87 -3.99 -22.55
CA ILE A 261 1.74 -3.71 -21.66
C ILE A 261 2.00 -4.34 -20.30
N GLU A 262 1.84 -3.54 -19.24
CA GLU A 262 1.94 -4.06 -17.88
C GLU A 262 0.81 -3.46 -17.07
N CYS A 263 -0.09 -4.32 -16.58
CA CYS A 263 -1.32 -3.88 -15.96
C CYS A 263 -1.30 -4.07 -14.44
N ASP A 264 -1.91 -3.10 -13.75
CA ASP A 264 -2.19 -3.13 -12.31
C ASP A 264 -3.70 -3.19 -12.11
N ALA A 265 -4.15 -4.01 -11.16
CA ALA A 265 -5.58 -4.05 -10.85
C ALA A 265 -5.75 -4.60 -9.43
N SER A 266 -6.85 -4.21 -8.78
CA SER A 266 -7.14 -4.71 -7.44
C SER A 266 -8.64 -4.60 -7.17
N ILE A 267 -9.07 -5.29 -6.12
CA ILE A 267 -10.48 -5.40 -5.73
C ILE A 267 -10.56 -5.66 -4.23
N MET A 268 -11.57 -5.09 -3.58
CA MET A 268 -11.77 -5.28 -2.15
C MET A 268 -13.23 -5.58 -1.87
N ASP A 269 -13.47 -6.51 -0.94
CA ASP A 269 -14.81 -6.93 -0.53
C ASP A 269 -15.13 -6.32 0.82
N GLY A 270 -16.23 -5.57 0.91
CA GLY A 270 -16.54 -4.91 2.16
C GLY A 270 -16.93 -5.86 3.27
N LYS A 271 -17.59 -6.97 2.94
CA LYS A 271 -18.10 -7.85 3.99
C LYS A 271 -16.97 -8.62 4.65
N SER A 272 -16.13 -9.27 3.87
CA SER A 272 -15.03 -10.04 4.42
C SER A 272 -13.77 -9.22 4.67
N LEU A 273 -13.67 -8.03 4.08
CA LEU A 273 -12.48 -7.18 4.06
C LEU A 273 -11.30 -7.83 3.33
N ASN A 274 -11.54 -8.89 2.57
CA ASN A 274 -10.45 -9.46 1.78
C ASN A 274 -10.20 -8.66 0.50
N PHE A 275 -9.04 -8.91 -0.08
CA PHE A 275 -8.45 -8.05 -1.10
C PHE A 275 -7.67 -8.94 -2.06
N GLY A 276 -7.70 -8.61 -3.34
CA GLY A 276 -6.84 -9.25 -4.33
C GLY A 276 -6.26 -8.19 -5.26
N ALA A 277 -5.06 -8.45 -5.75
CA ALA A 277 -4.40 -7.43 -6.57
C ALA A 277 -3.35 -8.09 -7.44
N VAL A 278 -3.18 -7.54 -8.65
CA VAL A 278 -2.08 -7.91 -9.53
C VAL A 278 -1.34 -6.64 -9.92
N GLY A 279 -0.05 -6.79 -10.14
CA GLY A 279 0.78 -5.66 -10.57
C GLY A 279 1.72 -6.10 -11.67
N ALA A 280 2.00 -5.18 -12.59
CA ALA A 280 2.88 -5.44 -13.72
C ALA A 280 2.52 -6.74 -14.44
N LEU A 281 1.23 -6.93 -14.68
CA LEU A 281 0.74 -8.15 -15.31
C LEU A 281 0.64 -7.97 -16.81
N SER A 282 1.28 -8.85 -17.56
CA SER A 282 1.16 -8.84 -19.01
C SER A 282 0.58 -10.15 -19.52
N GLY A 283 -0.13 -10.08 -20.64
CA GLY A 283 -0.58 -11.29 -21.31
C GLY A 283 -1.93 -11.81 -20.86
N ILE A 284 -2.67 -11.06 -20.05
CA ILE A 284 -3.99 -11.46 -19.57
C ILE A 284 -4.99 -10.40 -20.00
N LYS A 285 -6.07 -10.83 -20.67
CA LYS A 285 -7.02 -9.88 -21.25
C LYS A 285 -7.64 -8.98 -20.19
N ASN A 286 -8.01 -9.53 -19.04
CA ASN A 286 -8.76 -8.78 -18.03
C ASN A 286 -8.05 -8.87 -16.68
N PRO A 287 -7.13 -7.95 -16.40
CA PRO A 287 -6.41 -8.02 -15.13
C PRO A 287 -7.33 -8.08 -13.91
N VAL A 288 -8.46 -7.37 -13.93
CA VAL A 288 -9.34 -7.42 -12.77
C VAL A 288 -9.83 -8.85 -12.50
N SER A 289 -9.96 -9.69 -13.53
CA SER A 289 -10.37 -11.08 -13.31
C SER A 289 -9.37 -11.82 -12.44
N VAL A 290 -8.08 -11.56 -12.62
CA VAL A 290 -7.11 -12.25 -11.75
C VAL A 290 -7.22 -11.74 -10.32
N ALA A 291 -7.32 -10.41 -10.14
CA ALA A 291 -7.46 -9.88 -8.79
C ALA A 291 -8.69 -10.47 -8.10
N ASN A 292 -9.82 -10.55 -8.82
CA ASN A 292 -11.04 -11.11 -8.24
C ASN A 292 -10.87 -12.60 -7.92
N ARG A 293 -10.15 -13.33 -8.75
CA ARG A 293 -9.96 -14.75 -8.46
C ARG A 293 -9.05 -14.93 -7.26
N LEU A 294 -8.02 -14.07 -7.13
CA LEU A 294 -7.22 -14.09 -5.91
C LEU A 294 -8.07 -13.84 -4.67
N LEU A 295 -8.98 -12.86 -4.75
CA LEU A 295 -9.90 -12.61 -3.64
C LEU A 295 -10.78 -13.82 -3.39
N CYS A 296 -11.33 -14.40 -4.47
CA CYS A 296 -12.24 -15.53 -4.34
C CYS A 296 -11.58 -16.73 -3.69
N GLU A 297 -10.36 -17.07 -4.14
CA GLU A 297 -9.67 -18.22 -3.55
C GLU A 297 -9.30 -17.96 -2.09
N GLY A 298 -8.99 -16.71 -1.74
CA GLY A 298 -8.71 -16.39 -0.35
C GLY A 298 -9.90 -16.65 0.57
N GLN A 299 -11.12 -16.55 0.05
CA GLN A 299 -12.30 -16.75 0.88
C GLN A 299 -12.48 -18.20 1.28
N LYS A 300 -12.06 -19.13 0.43
CA LYS A 300 -12.28 -20.55 0.68
C LYS A 300 -11.34 -21.07 1.78
N ILE A 308 -1.85 -19.48 4.40
CA ILE A 308 -2.34 -18.14 4.06
C ILE A 308 -2.25 -17.90 2.55
N PRO A 309 -3.40 -17.72 1.90
CA PRO A 309 -3.40 -17.57 0.44
C PRO A 309 -2.84 -16.23 0.03
N PRO A 310 -2.30 -16.11 -1.18
CA PRO A 310 -1.75 -14.83 -1.64
C PRO A 310 -2.83 -13.82 -1.90
N CYS A 311 -2.52 -12.55 -1.66
CA CYS A 311 -3.43 -11.51 -2.07
CA CYS A 311 -3.39 -11.44 -2.00
C CYS A 311 -2.89 -10.61 -3.16
N PHE A 312 -1.58 -10.61 -3.42
CA PHE A 312 -0.93 -9.66 -4.33
C PHE A 312 0.16 -10.40 -5.11
N LEU A 313 -0.04 -10.57 -6.40
CA LEU A 313 0.94 -11.23 -7.25
C LEU A 313 1.39 -10.28 -8.35
N VAL A 314 2.66 -10.37 -8.73
CA VAL A 314 3.17 -9.51 -9.80
C VAL A 314 3.89 -10.32 -10.87
N GLY A 315 3.97 -9.72 -12.06
CA GLY A 315 4.91 -10.15 -13.09
C GLY A 315 4.66 -11.55 -13.58
N GLU A 316 5.76 -12.27 -13.83
CA GLU A 316 5.67 -13.63 -14.37
C GLU A 316 4.82 -14.52 -13.49
N GLY A 317 5.03 -14.44 -12.18
CA GLY A 317 4.27 -15.28 -11.25
C GLY A 317 2.78 -15.02 -11.31
N ALA A 318 2.38 -13.75 -11.44
CA ALA A 318 0.95 -13.46 -11.57
C ALA A 318 0.40 -14.05 -12.86
N TYR A 319 1.14 -13.96 -13.96
CA TYR A 319 0.67 -14.56 -15.21
C TYR A 319 0.50 -16.07 -15.07
N ARG A 320 1.53 -16.76 -14.54
CA ARG A 320 1.45 -18.22 -14.45
C ARG A 320 0.30 -18.64 -13.54
N TRP A 321 0.10 -17.92 -12.43
CA TRP A 321 -1.03 -18.19 -11.55
C TRP A 321 -2.36 -17.99 -12.27
N ALA A 322 -2.50 -16.91 -13.03
CA ALA A 322 -3.72 -16.68 -13.79
C ALA A 322 -3.99 -17.82 -14.78
N VAL A 323 -2.96 -18.24 -15.50
CA VAL A 323 -3.15 -19.30 -16.49
C VAL A 323 -3.55 -20.59 -15.81
N ASP A 324 -2.92 -20.92 -14.67
CA ASP A 324 -3.25 -22.14 -13.96
C ASP A 324 -4.65 -22.12 -13.36
N HIS A 325 -5.28 -20.95 -13.24
CA HIS A 325 -6.65 -20.90 -12.76
C HIS A 325 -7.66 -20.70 -13.89
N GLY A 326 -7.27 -20.96 -15.13
CA GLY A 326 -8.18 -20.92 -16.25
C GLY A 326 -8.68 -19.53 -16.62
N ILE A 327 -7.93 -18.50 -16.31
CA ILE A 327 -8.29 -17.12 -16.69
C ILE A 327 -7.77 -16.83 -18.09
N PRO A 328 -8.60 -16.36 -19.02
CA PRO A 328 -8.17 -16.30 -20.42
C PRO A 328 -6.91 -15.47 -20.58
N SER A 329 -5.92 -16.05 -21.23
CA SER A 329 -4.57 -15.56 -21.39
C SER A 329 -4.28 -15.09 -22.81
N CYS A 330 -3.06 -14.56 -22.99
CA CYS A 330 -2.52 -14.25 -24.32
C CYS A 330 -1.03 -14.54 -24.29
N PRO A 331 -0.61 -15.75 -24.69
CA PRO A 331 0.83 -16.03 -24.73
C PRO A 331 1.61 -15.12 -25.66
N LEU A 332 0.98 -14.70 -26.77
CA LEU A 332 1.63 -13.76 -27.68
C LEU A 332 1.75 -12.36 -27.09
N GLU A 333 0.88 -12.00 -26.14
CA GLU A 333 0.95 -10.70 -25.48
C GLU A 333 1.71 -10.75 -24.16
N HIS A 334 2.28 -11.89 -23.81
CA HIS A 334 3.00 -12.08 -22.56
C HIS A 334 4.49 -11.97 -22.81
N HIS A 335 5.19 -11.22 -21.96
CA HIS A 335 6.64 -11.10 -22.03
C HIS A 335 7.28 -11.68 -20.77
N HIS A 336 8.35 -12.45 -20.96
CA HIS A 336 9.12 -13.05 -19.86
C HIS A 336 10.59 -12.84 -20.19
N HIS A 337 11.12 -11.69 -19.78
CA HIS A 337 12.52 -11.41 -19.99
C HIS A 337 13.36 -12.09 -18.92
N HIS A 338 14.59 -12.45 -19.28
CA HIS A 338 15.45 -13.25 -18.40
C HIS A 338 16.91 -12.80 -18.47
N THR B 2 12.30 -11.33 7.87
CA THR B 2 12.15 -9.89 7.76
C THR B 2 13.09 -9.15 8.73
N VAL B 3 13.78 -8.13 8.22
CA VAL B 3 14.70 -7.31 9.00
C VAL B 3 14.32 -5.84 8.80
N GLY B 4 14.77 -4.99 9.73
CA GLY B 4 14.38 -3.59 9.67
C GLY B 4 15.29 -2.72 10.51
N ALA B 5 15.24 -1.42 10.24
CA ALA B 5 16.00 -0.43 10.99
C ALA B 5 15.27 0.89 10.95
N VAL B 6 15.48 1.69 11.99
CA VAL B 6 14.99 3.07 12.05
C VAL B 6 16.13 3.94 12.57
N VAL B 7 16.25 5.15 12.01
CA VAL B 7 17.36 6.05 12.30
C VAL B 7 16.83 7.47 12.51
N VAL B 8 17.46 8.20 13.42
CA VAL B 8 17.29 9.65 13.51
C VAL B 8 18.66 10.29 13.51
N ASP B 9 18.82 11.38 12.74
CA ASP B 9 20.12 12.02 12.65
C ASP B 9 20.19 13.15 13.67
N HIS B 10 21.33 13.85 13.71
CA HIS B 10 21.56 14.84 14.75
C HIS B 10 20.62 16.03 14.63
N GLU B 11 19.91 16.17 13.52
CA GLU B 11 18.95 17.25 13.33
C GLU B 11 17.53 16.83 13.64
N GLY B 12 17.29 15.56 13.93
CA GLY B 12 15.95 15.07 14.10
C GLY B 12 15.27 14.57 12.84
N ASN B 13 16.00 14.50 11.72
CA ASN B 13 15.49 13.84 10.52
C ASN B 13 15.47 12.33 10.74
N VAL B 14 14.35 11.70 10.37
CA VAL B 14 14.20 10.27 10.60
C VAL B 14 14.13 9.53 9.26
N ALA B 15 14.43 8.24 9.33
CA ALA B 15 14.29 7.36 8.18
C ALA B 15 14.01 5.95 8.69
N ALA B 16 13.40 5.13 7.82
CA ALA B 16 13.01 3.76 8.13
C ALA B 16 13.15 2.88 6.90
N ALA B 17 13.44 1.60 7.13
CA ALA B 17 13.61 0.66 6.03
C ALA B 17 13.28 -0.74 6.51
N VAL B 18 12.94 -1.61 5.55
CA VAL B 18 12.54 -2.98 5.82
C VAL B 18 12.91 -3.84 4.63
N SER B 19 13.22 -5.12 4.88
CA SER B 19 13.63 -6.04 3.83
C SER B 19 13.27 -7.46 4.22
N SER B 20 12.87 -8.27 3.25
CA SER B 20 12.36 -9.58 3.59
C SER B 20 12.45 -10.53 2.41
N GLY B 21 12.57 -11.83 2.73
CA GLY B 21 12.41 -12.89 1.75
C GLY B 21 10.99 -13.37 1.60
N GLY B 22 10.08 -12.95 2.48
CA GLY B 22 8.70 -13.39 2.37
C GLY B 22 8.52 -14.81 2.84
N LEU B 23 7.31 -15.33 2.58
CA LEU B 23 6.93 -16.65 3.04
C LEU B 23 7.72 -17.75 2.35
N ALA B 24 8.13 -18.74 3.12
CA ALA B 24 8.73 -19.92 2.53
C ALA B 24 7.71 -20.60 1.63
N LEU B 25 8.17 -21.07 0.48
CA LEU B 25 7.35 -21.80 -0.49
C LEU B 25 6.24 -20.96 -1.09
N LYS B 26 6.33 -19.64 -1.01
CA LYS B 26 5.31 -18.79 -1.61
C LYS B 26 5.23 -19.02 -3.10
N HIS B 27 4.05 -18.74 -3.65
CA HIS B 27 3.91 -18.79 -5.10
C HIS B 27 4.82 -17.74 -5.72
N PRO B 28 5.47 -18.04 -6.84
CA PRO B 28 6.29 -17.01 -7.50
C PRO B 28 5.50 -15.73 -7.71
N GLY B 29 6.17 -14.60 -7.50
CA GLY B 29 5.53 -13.30 -7.67
C GLY B 29 4.70 -12.81 -6.50
N ARG B 30 4.62 -13.56 -5.39
CA ARG B 30 3.90 -13.06 -4.23
C ARG B 30 4.68 -11.95 -3.55
N VAL B 31 4.02 -10.82 -3.36
CA VAL B 31 4.62 -9.66 -2.70
C VAL B 31 3.89 -9.44 -1.39
N GLY B 32 4.64 -9.25 -0.30
CA GLY B 32 4.10 -9.01 1.01
C GLY B 32 4.43 -7.61 1.53
N GLN B 33 4.31 -7.45 2.85
CA GLN B 33 4.24 -6.11 3.43
C GLN B 33 5.54 -5.32 3.27
N ALA B 34 6.71 -5.99 3.19
CA ALA B 34 7.97 -5.27 3.15
C ALA B 34 8.12 -4.40 1.89
N ALA B 35 7.30 -4.60 0.87
CA ALA B 35 7.37 -3.76 -0.33
C ALA B 35 6.28 -2.69 -0.39
N LEU B 36 5.30 -2.72 0.51
CA LEU B 36 4.07 -1.97 0.31
C LEU B 36 4.07 -0.69 1.12
N TYR B 37 3.87 0.42 0.43
CA TYR B 37 3.76 1.74 1.04
C TYR B 37 2.78 1.72 2.19
N GLY B 38 3.20 2.32 3.33
CA GLY B 38 2.38 2.36 4.53
C GLY B 38 2.44 1.13 5.41
N CYS B 39 2.81 -0.02 4.87
CA CYS B 39 2.67 -1.29 5.59
C CYS B 39 3.97 -1.75 6.23
N GLY B 40 5.05 -1.82 5.47
CA GLY B 40 6.30 -2.36 5.95
C GLY B 40 7.14 -1.41 6.78
N CYS B 41 7.16 -0.13 6.40
CA CYS B 41 7.94 0.87 7.12
C CYS B 41 7.26 2.22 6.93
N TRP B 42 7.67 3.19 7.75
CA TRP B 42 7.12 4.54 7.70
C TRP B 42 8.09 5.50 8.38
N ALA B 43 8.25 6.69 7.77
CA ALA B 43 9.05 7.72 8.42
C ALA B 43 8.47 9.08 8.06
N GLU B 44 8.30 9.94 9.07
CA GLU B 44 7.62 11.22 8.89
C GLU B 44 8.17 12.22 9.91
N ASN B 45 8.85 13.26 9.43
CA ASN B 45 9.35 14.27 10.35
C ASN B 45 8.19 15.02 10.99
N THR B 46 8.49 15.68 12.11
CA THR B 46 7.47 16.45 12.79
C THR B 46 6.88 17.47 11.82
N GLY B 47 5.57 17.67 11.92
CA GLY B 47 4.85 18.64 11.12
C GLY B 47 3.62 19.18 11.83
N ALA B 48 2.75 19.88 11.10
CA ALA B 48 1.60 20.52 11.75
C ALA B 48 0.69 19.50 12.42
N HIS B 49 0.38 18.41 11.71
CA HIS B 49 -0.55 17.41 12.21
C HIS B 49 0.08 16.44 13.20
N ASN B 50 1.42 16.39 13.28
CA ASN B 50 2.05 15.43 14.19
C ASN B 50 3.31 16.01 14.84
N PRO B 51 3.35 16.15 16.16
CA PRO B 51 4.44 16.89 16.81
C PRO B 51 5.74 16.11 16.99
N TYR B 52 5.75 14.80 16.80
CA TYR B 52 6.98 14.01 16.89
C TYR B 52 7.43 13.59 15.50
N SER B 53 8.75 13.57 15.30
CA SER B 53 9.30 12.89 14.12
C SER B 53 9.30 11.39 14.43
N THR B 54 8.80 10.58 13.49
CA THR B 54 8.47 9.20 13.81
C THR B 54 8.94 8.26 12.72
N ALA B 55 9.52 7.13 13.12
CA ALA B 55 9.98 6.13 12.18
C ALA B 55 9.57 4.74 12.67
N VAL B 56 9.09 3.90 11.77
CA VAL B 56 8.55 2.58 12.12
C VAL B 56 9.00 1.57 11.07
N SER B 57 9.42 0.39 11.52
CA SER B 57 9.71 -0.73 10.64
C SER B 57 9.08 -1.97 11.24
N THR B 58 8.51 -2.82 10.39
CA THR B 58 7.78 -3.98 10.85
C THR B 58 8.62 -5.25 10.79
N SER B 59 8.11 -6.29 11.44
CA SER B 59 8.72 -7.61 11.45
C SER B 59 7.62 -8.64 11.28
N GLY B 60 8.04 -9.89 11.06
CA GLY B 60 7.09 -10.93 10.71
C GLY B 60 6.76 -10.93 9.23
N CYS B 61 5.90 -11.87 8.85
CA CYS B 61 5.47 -11.98 7.47
CA CYS B 61 5.46 -12.02 7.47
C CYS B 61 3.95 -12.10 7.39
N GLY B 62 3.46 -12.87 6.42
CA GLY B 62 2.06 -13.04 6.18
C GLY B 62 1.41 -11.71 5.77
N GLU B 63 0.08 -11.73 5.79
CA GLU B 63 -0.70 -10.59 5.33
C GLU B 63 -1.28 -9.77 6.47
N HIS B 64 -1.06 -10.16 7.73
CA HIS B 64 -1.59 -9.41 8.85
C HIS B 64 -1.08 -7.97 8.85
N LEU B 65 0.20 -7.75 8.51
CA LEU B 65 0.80 -6.41 8.51
C LEU B 65 0.32 -5.56 7.33
N VAL B 66 0.01 -6.22 6.20
CA VAL B 66 -0.62 -5.51 5.08
C VAL B 66 -2.02 -5.04 5.46
N ARG B 67 -2.87 -5.97 5.91
CA ARG B 67 -4.29 -5.69 6.06
C ARG B 67 -4.56 -4.50 6.99
N THR B 68 -3.69 -4.24 7.95
CA THR B 68 -3.90 -3.14 8.88
C THR B 68 -3.03 -1.91 8.59
N ILE B 69 -2.24 -1.94 7.51
CA ILE B 69 -1.33 -0.86 7.16
C ILE B 69 -0.55 -0.46 8.41
N LEU B 70 0.19 -1.41 8.97
CA LEU B 70 0.58 -1.33 10.36
C LEU B 70 1.62 -0.24 10.60
N ALA B 71 2.60 -0.09 9.71
CA ALA B 71 3.68 0.84 10.01
C ALA B 71 3.16 2.27 10.13
N ARG B 72 2.37 2.70 9.15
CA ARG B 72 1.74 4.02 9.24
C ARG B 72 0.81 4.11 10.44
N GLU B 73 0.04 3.05 10.70
CA GLU B 73 -0.87 3.09 11.85
C GLU B 73 -0.09 3.30 13.14
N CYS B 74 1.06 2.63 13.29
CA CYS B 74 1.85 2.86 14.50
C CYS B 74 2.35 4.29 14.54
N SER B 75 2.79 4.81 13.39
CA SER B 75 3.32 6.16 13.35
C SER B 75 2.29 7.18 13.79
N HIS B 76 1.04 7.01 13.35
CA HIS B 76 0.01 7.95 13.73
C HIS B 76 -0.36 7.80 15.19
N ALA B 77 -0.33 6.59 15.74
CA ALA B 77 -0.69 6.42 17.14
C ALA B 77 0.36 7.06 18.04
N LEU B 78 1.64 6.98 17.65
CA LEU B 78 2.74 7.55 18.42
C LEU B 78 2.69 9.06 18.49
N GLN B 79 1.66 9.73 17.97
CA GLN B 79 1.53 11.15 18.24
C GLN B 79 0.85 11.43 19.58
N ALA B 80 0.41 10.41 20.30
CA ALA B 80 -0.13 10.58 21.65
C ALA B 80 1.01 10.73 22.65
N GLU B 81 0.67 11.23 23.85
CA GLU B 81 1.68 11.52 24.86
C GLU B 81 2.42 10.27 25.30
N ASP B 82 1.67 9.26 25.74
CA ASP B 82 2.24 8.03 26.27
C ASP B 82 2.57 7.12 25.09
N ALA B 83 3.85 7.09 24.70
CA ALA B 83 4.27 6.31 23.54
C ALA B 83 4.11 4.82 23.80
N HIS B 84 4.44 4.39 25.03
CA HIS B 84 4.30 2.99 25.41
C HIS B 84 2.84 2.55 25.34
N GLN B 85 1.94 3.32 25.96
CA GLN B 85 0.52 2.99 25.90
C GLN B 85 0.02 3.00 24.47
N ALA B 86 0.48 3.96 23.67
CA ALA B 86 0.00 4.08 22.29
C ALA B 86 0.39 2.86 21.47
N LEU B 87 1.64 2.42 21.60
CA LEU B 87 2.06 1.25 20.83
C LEU B 87 1.35 -0.01 21.29
N LEU B 88 1.19 -0.17 22.60
CA LEU B 88 0.50 -1.35 23.11
C LEU B 88 -0.96 -1.37 22.65
N GLU B 89 -1.66 -0.25 22.77
CA GLU B 89 -3.05 -0.16 22.32
C GLU B 89 -3.15 -0.56 20.85
N THR B 90 -2.23 -0.09 20.03
CA THR B 90 -2.25 -0.39 18.60
C THR B 90 -1.99 -1.86 18.34
N MET B 91 -1.00 -2.44 19.02
CA MET B 91 -0.72 -3.85 18.86
C MET B 91 -1.92 -4.70 19.30
N GLN B 92 -2.59 -4.29 20.38
CA GLN B 92 -3.75 -5.04 20.83
C GLN B 92 -4.98 -4.75 19.99
N ASN B 93 -5.26 -3.47 19.74
CA ASN B 93 -6.57 -3.10 19.19
C ASN B 93 -6.58 -3.09 17.66
N LYS B 94 -5.54 -2.52 17.03
CA LYS B 94 -5.47 -2.43 15.58
C LYS B 94 -4.66 -3.57 14.96
N PHE B 95 -4.07 -4.46 15.76
CA PHE B 95 -3.33 -5.61 15.26
C PHE B 95 -3.98 -6.92 15.70
N ILE B 96 -3.89 -7.30 16.98
CA ILE B 96 -4.49 -8.56 17.44
C ILE B 96 -6.00 -8.58 17.24
N SER B 97 -6.67 -7.48 17.61
CA SER B 97 -8.13 -7.44 17.61
C SER B 97 -8.69 -6.72 16.38
N SER B 98 -7.89 -6.56 15.34
CA SER B 98 -8.33 -5.91 14.12
C SER B 98 -9.52 -6.66 13.53
N PRO B 99 -10.48 -5.95 12.92
CA PRO B 99 -11.51 -6.65 12.13
C PRO B 99 -10.95 -7.31 10.89
N PHE B 100 -9.79 -6.87 10.41
CA PHE B 100 -9.17 -7.43 9.21
C PHE B 100 -8.61 -8.82 9.47
N ASP B 105 -7.26 -16.60 13.64
CA ASP B 105 -7.03 -16.90 15.05
C ASP B 105 -5.54 -16.87 15.38
N GLY B 106 -5.07 -15.71 15.84
CA GLY B 106 -3.66 -15.49 16.14
C GLY B 106 -2.93 -14.75 15.03
N VAL B 107 -2.24 -13.66 15.39
CA VAL B 107 -1.55 -12.81 14.43
C VAL B 107 -0.12 -12.61 14.90
N LEU B 108 0.84 -12.91 14.02
CA LEU B 108 2.25 -12.96 14.38
C LEU B 108 3.01 -11.86 13.67
N GLY B 109 3.64 -10.98 14.45
CA GLY B 109 4.43 -9.91 13.88
C GLY B 109 5.00 -9.02 14.96
N GLY B 110 5.62 -7.93 14.53
CA GLY B 110 6.22 -7.01 15.48
C GLY B 110 6.65 -5.74 14.77
N VAL B 111 7.11 -4.78 15.57
CA VAL B 111 7.54 -3.49 15.06
C VAL B 111 8.71 -3.01 15.90
N ILE B 112 9.57 -2.21 15.28
CA ILE B 112 10.48 -1.31 15.99
C ILE B 112 10.03 0.10 15.64
N VAL B 113 10.14 1.02 16.60
CA VAL B 113 9.69 2.40 16.41
C VAL B 113 10.66 3.31 17.14
N LEU B 114 10.79 4.54 16.63
CA LEU B 114 11.37 5.61 17.42
C LEU B 114 10.56 6.87 17.12
N ARG B 115 10.58 7.79 18.09
CA ARG B 115 10.02 9.12 17.89
C ARG B 115 10.91 10.12 18.60
N SER B 116 11.10 11.29 17.99
CA SER B 116 11.98 12.31 18.53
C SER B 116 11.30 13.66 18.51
N CYS B 117 11.77 14.55 19.38
CA CYS B 117 11.34 15.93 19.37
C CYS B 117 12.47 16.81 19.89
N ARG B 118 12.48 18.06 19.44
CA ARG B 118 13.40 19.06 19.95
C ARG B 118 13.00 19.49 21.36
N CYS B 119 14.00 19.82 22.16
CA CYS B 119 13.77 20.39 23.48
C CYS B 119 14.74 21.54 23.67
N GLN B 130 19.75 23.41 22.54
CA GLN B 130 19.23 22.56 21.45
C GLN B 130 19.51 21.09 21.72
N THR B 131 18.49 20.36 22.18
CA THR B 131 18.64 18.95 22.53
C THR B 131 17.54 18.13 21.87
N LEU B 132 17.82 16.84 21.71
CA LEU B 132 16.94 15.94 20.97
C LEU B 132 16.58 14.77 21.86
N LEU B 133 15.29 14.58 22.10
CA LEU B 133 14.79 13.49 22.94
C LEU B 133 14.27 12.39 22.04
N VAL B 134 14.87 11.20 22.15
CA VAL B 134 14.51 10.06 21.31
C VAL B 134 13.94 8.97 22.22
N GLU B 135 12.68 8.59 21.95
CA GLU B 135 12.06 7.44 22.59
C GLU B 135 12.02 6.31 21.58
N PHE B 136 12.45 5.13 21.98
CA PHE B 136 12.50 4.01 21.07
C PHE B 136 11.83 2.80 21.71
N LEU B 137 11.09 2.04 20.92
CA LEU B 137 10.38 0.88 21.43
C LEU B 137 10.41 -0.22 20.38
N TRP B 138 10.27 -1.44 20.86
CA TRP B 138 9.96 -2.57 19.99
C TRP B 138 8.80 -3.31 20.64
N SER B 139 8.05 -4.04 19.81
CA SER B 139 6.92 -4.80 20.30
C SER B 139 6.69 -5.97 19.38
N HIS B 140 6.24 -7.10 19.95
CA HIS B 140 6.00 -8.26 19.11
C HIS B 140 5.03 -9.21 19.78
N THR B 141 4.30 -9.94 18.95
CA THR B 141 3.44 -11.03 19.40
C THR B 141 4.06 -12.38 19.09
N THR B 142 5.23 -12.38 18.46
CA THR B 142 6.01 -13.60 18.29
C THR B 142 6.66 -14.00 19.60
N GLU B 143 7.09 -15.26 19.66
CA GLU B 143 7.82 -15.76 20.82
C GLU B 143 8.99 -14.85 21.16
N SER B 144 9.72 -14.39 20.15
CA SER B 144 10.92 -13.63 20.41
C SER B 144 11.21 -12.67 19.25
N MET B 145 12.11 -11.73 19.52
CA MET B 145 12.57 -10.75 18.56
C MET B 145 13.94 -10.28 19.01
N CYS B 146 14.87 -10.15 18.06
CA CYS B 146 16.20 -9.66 18.37
C CYS B 146 16.35 -8.25 17.82
N VAL B 147 16.76 -7.32 18.70
CA VAL B 147 16.95 -5.92 18.36
C VAL B 147 18.35 -5.51 18.74
N GLY B 148 18.81 -4.44 18.10
CA GLY B 148 20.00 -3.75 18.55
C GLY B 148 19.81 -2.26 18.40
N TYR B 149 20.47 -1.49 19.26
CA TYR B 149 20.38 -0.04 19.15
C TYR B 149 21.68 0.59 19.61
N MET B 150 21.88 1.83 19.19
CA MET B 150 23.14 2.51 19.41
C MET B 150 22.94 4.00 19.19
N SER B 151 23.60 4.80 20.00
CA SER B 151 23.70 6.23 19.78
C SER B 151 25.13 6.55 19.39
N ALA B 152 25.31 7.64 18.65
CA ALA B 152 26.66 8.02 18.24
C ALA B 152 27.52 8.40 19.42
N GLN B 153 26.92 8.82 20.54
CA GLN B 153 27.70 9.25 21.70
C GLN B 153 28.18 8.07 22.56
N ASP B 154 27.33 7.07 22.81
CA ASP B 154 27.73 5.99 23.71
C ASP B 154 28.79 5.10 23.08
N GLY B 155 28.79 4.98 21.75
CA GLY B 155 29.84 4.27 21.06
C GLY B 155 29.94 2.79 21.38
N LYS B 156 28.87 2.19 21.89
CA LYS B 156 28.79 0.75 22.08
C LYS B 156 27.38 0.31 21.77
N ALA B 157 27.24 -0.51 20.73
CA ALA B 157 25.92 -1.01 20.38
C ALA B 157 25.41 -1.97 21.44
N LYS B 158 24.12 -1.89 21.73
CA LYS B 158 23.47 -2.80 22.65
C LYS B 158 22.54 -3.71 21.86
N THR B 159 22.58 -5.01 22.15
CA THR B 159 21.70 -5.98 21.52
C THR B 159 20.94 -6.72 22.60
N HIS B 160 19.73 -7.17 22.27
CA HIS B 160 18.83 -7.70 23.28
C HIS B 160 17.83 -8.62 22.60
N ILE B 161 17.53 -9.74 23.24
CA ILE B 161 16.55 -10.68 22.74
C ILE B 161 15.27 -10.50 23.55
N SER B 162 14.24 -9.98 22.90
CA SER B 162 12.96 -9.78 23.55
C SER B 162 12.15 -11.07 23.44
N ARG B 163 11.67 -11.57 24.56
CA ARG B 163 10.87 -12.80 24.58
C ARG B 163 9.51 -12.52 25.20
N LEU B 164 8.53 -13.32 24.80
CA LEU B 164 7.25 -13.31 25.48
C LEU B 164 7.43 -13.86 26.89
N PRO B 165 6.76 -13.29 27.88
CA PRO B 165 6.93 -13.75 29.26
C PRO B 165 6.41 -15.17 29.43
N PRO B 166 6.80 -15.85 30.50
CA PRO B 166 6.25 -17.19 30.76
C PRO B 166 4.74 -17.19 30.81
N GLY B 167 4.13 -18.24 30.25
CA GLY B 167 2.69 -18.35 30.20
C GLY B 167 2.03 -17.64 29.04
N ALA B 168 2.74 -16.76 28.35
CA ALA B 168 2.16 -16.10 27.20
C ALA B 168 2.02 -17.09 26.04
N VAL B 169 1.15 -16.73 25.11
CA VAL B 169 0.87 -17.55 23.94
C VAL B 169 1.12 -16.69 22.71
N ALA B 170 2.10 -17.08 21.90
CA ALA B 170 2.43 -16.33 20.70
C ALA B 170 1.20 -16.14 19.84
N GLY B 171 1.05 -14.95 19.26
CA GLY B 171 -0.12 -14.62 18.49
C GLY B 171 -1.31 -14.18 19.31
N GLN B 172 -1.19 -14.15 20.63
CA GLN B 172 -2.26 -13.73 21.53
C GLN B 172 -1.78 -12.78 22.62
N SER B 173 -0.50 -12.81 22.99
CA SER B 173 0.09 -11.91 23.95
C SER B 173 0.98 -10.90 23.23
N VAL B 174 1.26 -9.79 23.90
CA VAL B 174 2.13 -8.75 23.37
C VAL B 174 3.28 -8.52 24.33
N ALA B 175 4.49 -8.47 23.80
CA ALA B 175 5.64 -7.96 24.54
C ALA B 175 5.96 -6.58 24.02
N ILE B 176 6.37 -5.69 24.91
CA ILE B 176 6.72 -4.33 24.54
C ILE B 176 7.77 -3.82 25.50
N GLU B 177 8.88 -3.30 24.97
CA GLU B 177 9.94 -2.69 25.75
C GLU B 177 10.45 -1.48 24.99
N GLY B 178 11.23 -0.65 25.67
CA GLY B 178 11.80 0.49 25.02
C GLY B 178 12.71 1.25 25.95
N GLY B 179 13.18 2.40 25.47
CA GLY B 179 14.09 3.21 26.24
C GLY B 179 14.02 4.65 25.79
N VAL B 180 14.88 5.47 26.39
CA VAL B 180 14.93 6.89 26.08
C VAL B 180 16.38 7.26 25.85
N CYS B 181 16.61 8.13 24.87
CA CYS B 181 17.95 8.56 24.49
C CYS B 181 17.91 10.05 24.24
N ARG B 182 18.82 10.78 24.86
CA ARG B 182 18.97 12.22 24.63
C ARG B 182 20.22 12.47 23.80
N LEU B 183 20.07 13.22 22.73
CA LEU B 183 21.17 13.53 21.82
C LEU B 183 21.43 15.03 21.85
N GLU B 184 22.69 15.39 21.60
CA GLU B 184 23.06 16.78 21.35
C GLU B 184 22.79 17.09 19.88
N GLY B 185 21.78 17.92 19.62
CA GLY B 185 21.41 18.24 18.26
C GLY B 185 22.32 19.22 17.55
N SER B 186 23.60 19.24 17.95
CA SER B 186 24.59 20.16 17.40
C SER B 186 25.60 19.49 16.48
N GLY B 187 26.06 18.29 16.81
CA GLY B 187 27.18 17.70 16.09
C GLY B 187 26.83 16.95 14.83
N SER B 188 27.25 15.70 14.74
CA SER B 188 26.95 14.83 13.60
C SER B 188 26.52 13.46 14.09
N GLY B 189 25.80 13.43 15.20
CA GLY B 189 25.41 12.21 15.87
C GLY B 189 24.11 11.64 15.32
N GLY B 190 23.45 10.86 16.16
CA GLY B 190 22.22 10.21 15.79
C GLY B 190 22.03 8.96 16.62
N PHE B 191 21.00 8.20 16.24
CA PHE B 191 20.58 7.00 16.94
C PHE B 191 19.95 6.06 15.92
N VAL B 192 20.21 4.77 16.10
CA VAL B 192 19.66 3.73 15.24
C VAL B 192 19.08 2.62 16.13
N LEU B 193 17.97 2.05 15.69
CA LEU B 193 17.40 0.83 16.27
C LEU B 193 17.13 -0.15 15.14
N VAL B 194 17.57 -1.41 15.30
CA VAL B 194 17.45 -2.43 14.26
C VAL B 194 16.81 -3.68 14.84
N HIS B 195 16.32 -4.53 13.95
CA HIS B 195 15.89 -5.86 14.37
C HIS B 195 16.25 -6.87 13.29
N ALA B 196 16.62 -8.07 13.72
CA ALA B 196 17.02 -9.16 12.84
C ALA B 196 15.88 -10.12 12.56
N GLY B 197 14.70 -9.85 13.09
CA GLY B 197 13.53 -10.67 12.84
C GLY B 197 12.72 -10.88 14.12
N ALA B 198 11.45 -11.21 13.94
CA ALA B 198 10.58 -11.59 15.03
C ALA B 198 9.94 -12.92 14.64
N GLY B 199 10.13 -13.95 15.46
CA GLY B 199 9.60 -15.26 15.17
C GLY B 199 9.83 -16.23 16.31
N TYR B 200 10.06 -17.49 15.97
CA TYR B 200 10.27 -18.52 16.99
C TYR B 200 11.59 -18.29 17.71
N HIS B 201 11.59 -18.57 19.01
CA HIS B 201 12.81 -18.43 19.78
C HIS B 201 13.83 -19.47 19.32
N SER B 202 15.10 -19.07 19.33
CA SER B 202 16.21 -19.95 19.01
C SER B 202 17.32 -19.69 20.01
N GLU B 203 17.57 -20.66 20.90
CA GLU B 203 18.66 -20.52 21.86
C GLU B 203 20.00 -20.44 21.14
N SER B 204 20.26 -21.37 20.22
CA SER B 204 21.41 -21.28 19.35
C SER B 204 21.17 -20.23 18.29
N LYS B 205 22.27 -19.74 17.70
CA LYS B 205 22.23 -18.70 16.67
C LYS B 205 21.66 -17.38 17.20
N ALA B 206 21.17 -17.39 18.44
CA ALA B 206 20.82 -16.13 19.11
C ALA B 206 22.04 -15.22 19.22
N LYS B 207 23.21 -15.80 19.49
CA LYS B 207 24.42 -14.99 19.51
C LYS B 207 24.69 -14.37 18.15
N GLU B 208 24.41 -15.10 17.07
CA GLU B 208 24.62 -14.53 15.74
C GLU B 208 23.57 -13.49 15.39
N TYR B 209 22.33 -13.63 15.89
CA TYR B 209 21.35 -12.56 15.66
C TYR B 209 21.74 -11.30 16.41
N LYS B 210 22.26 -11.42 17.64
CA LYS B 210 22.76 -10.26 18.35
C LYS B 210 23.97 -9.68 17.65
N HIS B 211 24.84 -10.54 17.13
CA HIS B 211 26.06 -10.06 16.51
C HIS B 211 25.76 -9.31 15.21
N VAL B 212 24.78 -9.79 14.43
CA VAL B 212 24.45 -9.07 13.20
C VAL B 212 23.77 -7.74 13.53
N CYS B 213 22.95 -7.70 14.58
CA CYS B 213 22.37 -6.42 14.99
C CYS B 213 23.45 -5.45 15.45
N LYS B 214 24.44 -5.94 16.18
CA LYS B 214 25.55 -5.08 16.60
C LYS B 214 26.25 -4.47 15.39
N ARG B 215 26.62 -5.30 14.41
CA ARG B 215 27.29 -4.78 13.22
C ARG B 215 26.39 -3.83 12.46
N ALA B 216 25.09 -4.11 12.41
CA ALA B 216 24.17 -3.23 11.68
C ALA B 216 24.14 -1.84 12.28
N CYS B 217 24.03 -1.76 13.62
CA CYS B 217 24.05 -0.47 14.29
C CYS B 217 25.35 0.29 14.03
N GLN B 218 26.48 -0.39 14.09
CA GLN B 218 27.76 0.29 13.90
C GLN B 218 27.89 0.88 12.50
N LYS B 219 27.38 0.17 11.50
CA LYS B 219 27.43 0.69 10.14
C LYS B 219 26.57 1.94 9.99
N ALA B 220 25.37 1.93 10.57
CA ALA B 220 24.50 3.10 10.51
C ALA B 220 25.14 4.29 11.23
N ILE B 221 25.71 4.06 12.41
CA ILE B 221 26.34 5.13 13.16
C ILE B 221 27.54 5.69 12.42
N GLU B 222 28.36 4.80 11.82
CA GLU B 222 29.52 5.26 11.06
C GLU B 222 29.10 6.16 9.89
N LYS B 223 28.01 5.81 9.22
CA LYS B 223 27.50 6.67 8.15
C LYS B 223 27.08 8.03 8.69
N LEU B 224 26.31 8.05 9.79
CA LEU B 224 25.90 9.32 10.37
C LEU B 224 27.10 10.18 10.74
N GLN B 225 28.14 9.57 11.32
CA GLN B 225 29.31 10.33 11.74
C GLN B 225 30.13 10.82 10.57
N ALA B 226 29.92 10.29 9.37
CA ALA B 226 30.57 10.79 8.17
C ALA B 226 29.71 11.81 7.44
N GLY B 227 28.62 12.25 8.07
CA GLY B 227 27.76 13.25 7.48
C GLY B 227 26.69 12.71 6.57
N ALA B 228 26.46 11.40 6.58
CA ALA B 228 25.52 10.82 5.65
C ALA B 228 24.08 11.17 6.03
N LEU B 229 23.21 11.08 5.03
CA LEU B 229 21.78 11.21 5.25
C LEU B 229 21.25 10.07 6.09
N ALA B 230 20.15 10.33 6.81
CA ALA B 230 19.54 9.28 7.58
C ALA B 230 19.16 8.08 6.70
N THR B 231 18.74 8.31 5.43
CA THR B 231 18.37 7.19 4.57
C THR B 231 19.59 6.35 4.20
N ASP B 232 20.72 6.97 3.93
CA ASP B 232 21.93 6.19 3.66
C ASP B 232 22.37 5.42 4.90
N ALA B 233 22.15 5.98 6.09
CA ALA B 233 22.54 5.29 7.31
C ALA B 233 21.66 4.09 7.58
N VAL B 234 20.34 4.26 7.42
CA VAL B 234 19.42 3.15 7.61
C VAL B 234 19.63 2.12 6.51
N THR B 235 20.05 2.54 5.31
CA THR B 235 20.36 1.56 4.26
C THR B 235 21.59 0.75 4.63
N ALA B 236 22.63 1.40 5.17
CA ALA B 236 23.83 0.67 5.58
C ALA B 236 23.53 -0.35 6.67
N ALA B 237 22.59 -0.05 7.57
CA ALA B 237 22.19 -1.02 8.58
C ALA B 237 21.52 -2.23 7.95
N LEU B 238 20.59 -2.01 7.01
CA LEU B 238 19.86 -3.13 6.40
C LEU B 238 20.74 -3.98 5.50
N VAL B 239 21.74 -3.39 4.82
CA VAL B 239 22.66 -4.19 4.02
C VAL B 239 23.38 -5.20 4.89
N GLU B 240 23.82 -4.79 6.09
CA GLU B 240 24.46 -5.71 7.03
C GLU B 240 23.48 -6.78 7.50
N LEU B 241 22.24 -6.40 7.80
CA LEU B 241 21.26 -7.39 8.24
C LEU B 241 20.92 -8.38 7.12
N GLU B 242 20.76 -7.89 5.89
CA GLU B 242 20.48 -8.76 4.76
C GLU B 242 21.55 -9.84 4.58
N ASP B 243 22.82 -9.45 4.68
CA ASP B 243 23.93 -10.33 4.37
C ASP B 243 24.10 -11.47 5.35
N SER B 244 23.45 -11.45 6.50
CA SER B 244 23.54 -12.58 7.41
C SER B 244 22.76 -13.76 6.83
N PRO B 245 23.35 -14.95 6.75
CA PRO B 245 22.58 -16.11 6.26
C PRO B 245 21.42 -16.48 7.16
N PHE B 246 21.40 -15.98 8.40
CA PHE B 246 20.36 -16.34 9.35
C PHE B 246 19.11 -15.46 9.25
N THR B 247 19.13 -14.37 8.51
CA THR B 247 17.96 -13.51 8.40
C THR B 247 17.23 -13.81 7.10
N ASN B 248 15.90 -13.76 7.17
CA ASN B 248 15.05 -13.95 5.99
C ASN B 248 14.94 -12.63 5.23
N ALA B 249 16.04 -12.30 4.56
CA ALA B 249 16.17 -11.10 3.74
C ALA B 249 17.50 -11.19 3.04
N GLY B 250 17.56 -10.66 1.82
CA GLY B 250 18.79 -10.76 1.06
C GLY B 250 19.33 -12.20 1.04
N MET B 251 20.61 -12.34 1.33
CA MET B 251 21.21 -13.67 1.40
C MET B 251 20.51 -14.55 2.43
N GLY B 252 20.15 -15.76 2.02
CA GLY B 252 19.51 -16.70 2.92
C GLY B 252 18.01 -16.57 2.98
N SER B 253 17.41 -15.74 2.12
CA SER B 253 15.96 -15.57 2.06
C SER B 253 15.25 -16.91 1.86
N ASN B 254 14.08 -17.06 2.49
CA ASN B 254 13.21 -18.21 2.23
C ASN B 254 13.05 -18.44 0.73
N LEU B 255 13.17 -19.69 0.29
CA LEU B 255 12.97 -20.02 -1.11
C LEU B 255 11.49 -20.13 -1.44
N ASN B 256 11.10 -19.71 -2.64
CA ASN B 256 9.69 -19.75 -2.99
C ASN B 256 9.33 -21.16 -3.46
N LEU B 257 8.10 -21.31 -3.97
CA LEU B 257 7.61 -22.62 -4.36
C LEU B 257 8.49 -23.30 -5.41
N LEU B 258 9.15 -22.50 -6.25
CA LEU B 258 10.00 -23.05 -7.29
C LEU B 258 11.47 -23.09 -6.90
N GLY B 259 11.78 -22.84 -5.62
CA GLY B 259 13.17 -22.90 -5.20
C GLY B 259 13.99 -21.68 -5.53
N GLU B 260 13.36 -20.54 -5.74
CA GLU B 260 14.08 -19.31 -6.06
C GLU B 260 13.83 -18.25 -5.00
N ILE B 261 14.75 -17.29 -4.95
CA ILE B 261 14.67 -16.19 -3.99
C ILE B 261 13.97 -15.03 -4.65
N GLU B 262 12.97 -14.47 -3.97
CA GLU B 262 12.27 -13.27 -4.42
C GLU B 262 12.12 -12.35 -3.23
N CYS B 263 12.75 -11.18 -3.30
CA CYS B 263 12.87 -10.27 -2.17
C CYS B 263 11.96 -9.05 -2.29
N ASP B 264 11.43 -8.62 -1.14
CA ASP B 264 10.70 -7.38 -0.98
C ASP B 264 11.52 -6.46 -0.08
N ALA B 265 11.56 -5.16 -0.39
CA ALA B 265 12.25 -4.21 0.49
C ALA B 265 11.68 -2.81 0.25
N SER B 266 11.76 -1.96 1.27
CA SER B 266 11.36 -0.57 1.07
C SER B 266 12.03 0.31 2.11
N ILE B 267 11.97 1.63 1.86
CA ILE B 267 12.64 2.63 2.65
C ILE B 267 11.88 3.94 2.49
N MET B 268 11.78 4.71 3.57
CA MET B 268 11.08 6.00 3.57
C MET B 268 11.93 7.04 4.28
N ASP B 269 11.93 8.28 3.75
CA ASP B 269 12.68 9.39 4.31
C ASP B 269 11.72 10.34 5.03
N GLY B 270 11.98 10.61 6.31
CA GLY B 270 11.05 11.43 7.05
C GLY B 270 11.05 12.88 6.59
N LYS B 271 12.19 13.38 6.11
CA LYS B 271 12.28 14.80 5.78
C LYS B 271 11.53 15.10 4.50
N SER B 272 11.83 14.38 3.42
CA SER B 272 11.19 14.58 2.14
C SER B 272 9.89 13.80 1.99
N LEU B 273 9.66 12.79 2.82
CA LEU B 273 8.54 11.86 2.71
C LEU B 273 8.60 11.03 1.43
N ASN B 274 9.73 11.02 0.74
CA ASN B 274 9.82 10.16 -0.44
C ASN B 274 10.07 8.72 0.00
N PHE B 275 9.89 7.81 -0.96
CA PHE B 275 9.76 6.38 -0.71
C PHE B 275 10.35 5.63 -1.90
N GLY B 276 10.99 4.51 -1.64
CA GLY B 276 11.43 3.60 -2.69
C GLY B 276 11.13 2.18 -2.30
N ALA B 277 10.87 1.33 -3.29
CA ALA B 277 10.47 -0.03 -2.93
C ALA B 277 10.72 -0.99 -4.09
N VAL B 278 11.07 -2.24 -3.74
CA VAL B 278 11.14 -3.33 -4.71
C VAL B 278 10.32 -4.52 -4.21
N GLY B 279 9.73 -5.25 -5.15
CA GLY B 279 9.00 -6.45 -4.82
C GLY B 279 9.37 -7.57 -5.78
N ALA B 280 9.32 -8.80 -5.27
CA ALA B 280 9.62 -9.98 -6.07
C ALA B 280 10.92 -9.81 -6.87
N LEU B 281 11.95 -9.30 -6.17
CA LEU B 281 13.24 -9.03 -6.79
C LEU B 281 14.17 -10.23 -6.63
N SER B 282 14.66 -10.76 -7.76
CA SER B 282 15.62 -11.87 -7.78
C SER B 282 16.94 -11.42 -8.39
N GLY B 283 18.02 -12.03 -7.93
CA GLY B 283 19.32 -11.85 -8.54
C GLY B 283 20.12 -10.67 -8.05
N ILE B 284 19.65 -9.97 -7.02
CA ILE B 284 20.33 -8.79 -6.49
C ILE B 284 20.69 -9.05 -5.05
N LYS B 285 21.98 -8.86 -4.73
CA LYS B 285 22.50 -9.22 -3.41
C LYS B 285 21.82 -8.42 -2.29
N ASN B 286 21.63 -7.11 -2.46
CA ASN B 286 21.10 -6.25 -1.40
C ASN B 286 19.87 -5.48 -1.89
N PRO B 287 18.68 -6.06 -1.76
CA PRO B 287 17.46 -5.36 -2.23
C PRO B 287 17.26 -3.96 -1.65
N VAL B 288 17.63 -3.73 -0.39
CA VAL B 288 17.44 -2.40 0.19
C VAL B 288 18.26 -1.35 -0.56
N SER B 289 19.42 -1.74 -1.12
CA SER B 289 20.22 -0.81 -1.91
C SER B 289 19.44 -0.31 -3.12
N VAL B 290 18.62 -1.18 -3.72
CA VAL B 290 17.82 -0.77 -4.86
C VAL B 290 16.71 0.18 -4.42
N ALA B 291 16.01 -0.19 -3.33
CA ALA B 291 14.96 0.69 -2.82
C ALA B 291 15.52 2.05 -2.48
N ASN B 292 16.68 2.07 -1.82
CA ASN B 292 17.30 3.34 -1.48
C ASN B 292 17.68 4.13 -2.73
N ARG B 293 18.13 3.42 -3.77
CA ARG B 293 18.52 4.09 -5.01
C ARG B 293 17.32 4.66 -5.75
N LEU B 294 16.20 3.93 -5.76
CA LEU B 294 14.95 4.50 -6.28
C LEU B 294 14.57 5.77 -5.53
N LEU B 295 14.71 5.77 -4.20
CA LEU B 295 14.41 6.97 -3.43
C LEU B 295 15.38 8.10 -3.79
N CYS B 296 16.66 7.78 -3.85
CA CYS B 296 17.65 8.82 -4.13
C CYS B 296 17.41 9.45 -5.50
N GLU B 297 17.11 8.65 -6.52
CA GLU B 297 16.85 9.21 -7.85
C GLU B 297 15.59 10.05 -7.88
N GLY B 298 14.58 9.69 -7.07
CA GLY B 298 13.38 10.49 -6.98
C GLY B 298 13.60 11.89 -6.43
N GLN B 299 14.69 12.09 -5.67
CA GLN B 299 14.91 13.38 -5.02
C GLN B 299 15.21 14.47 -6.05
N LYS B 300 15.76 14.08 -7.19
CA LYS B 300 16.17 15.03 -8.23
C LYS B 300 14.98 15.63 -8.99
N ARG B 307 8.42 14.58 -15.29
CA ARG B 307 7.60 13.42 -14.95
C ARG B 307 8.02 12.80 -13.63
N ILE B 308 7.08 12.17 -12.94
CA ILE B 308 7.31 11.62 -11.61
C ILE B 308 8.13 10.33 -11.71
N PRO B 309 9.32 10.27 -11.11
CA PRO B 309 10.18 9.09 -11.24
C PRO B 309 9.60 7.90 -10.49
N PRO B 310 9.94 6.67 -10.88
CA PRO B 310 9.33 5.51 -10.23
C PRO B 310 9.78 5.36 -8.78
N CYS B 311 8.87 4.93 -7.93
CA CYS B 311 9.21 4.61 -6.56
C CYS B 311 9.04 3.13 -6.22
N PHE B 312 8.29 2.36 -7.01
CA PHE B 312 8.02 0.95 -6.72
C PHE B 312 8.20 0.13 -8.01
N LEU B 313 9.25 -0.72 -8.04
CA LEU B 313 9.52 -1.62 -9.17
C LEU B 313 9.50 -3.07 -8.72
N VAL B 314 9.06 -3.97 -9.61
CA VAL B 314 8.97 -5.39 -9.28
C VAL B 314 9.61 -6.25 -10.36
N GLY B 315 10.01 -7.46 -9.95
CA GLY B 315 10.31 -8.55 -10.88
C GLY B 315 11.49 -8.28 -11.78
N GLU B 316 11.41 -8.80 -13.01
CA GLU B 316 12.49 -8.62 -13.98
C GLU B 316 12.79 -7.14 -14.21
N GLY B 317 11.75 -6.30 -14.26
CA GLY B 317 12.00 -4.88 -14.47
C GLY B 317 12.82 -4.26 -13.36
N ALA B 318 12.56 -4.63 -12.11
CA ALA B 318 13.37 -4.14 -11.01
C ALA B 318 14.81 -4.63 -11.12
N TYR B 319 15.02 -5.89 -11.52
CA TYR B 319 16.39 -6.38 -11.68
C TYR B 319 17.13 -5.56 -12.75
N ARG B 320 16.50 -5.37 -13.91
CA ARG B 320 17.16 -4.64 -14.99
C ARG B 320 17.49 -3.21 -14.58
N TRP B 321 16.58 -2.56 -13.86
CA TRP B 321 16.85 -1.22 -13.36
C TRP B 321 18.02 -1.23 -12.38
N ALA B 322 18.07 -2.21 -11.48
CA ALA B 322 19.17 -2.30 -10.52
C ALA B 322 20.50 -2.45 -11.23
N VAL B 323 20.59 -3.38 -12.18
CA VAL B 323 21.87 -3.58 -12.86
C VAL B 323 22.22 -2.35 -13.70
N ASP B 324 21.22 -1.71 -14.32
CA ASP B 324 21.52 -0.51 -15.11
C ASP B 324 22.01 0.63 -14.22
N HIS B 325 21.80 0.55 -12.91
CA HIS B 325 22.31 1.55 -11.98
C HIS B 325 23.51 1.04 -11.20
N GLY B 326 24.15 -0.03 -11.68
CA GLY B 326 25.38 -0.50 -11.09
C GLY B 326 25.26 -1.08 -9.70
N ILE B 327 24.09 -1.61 -9.35
CA ILE B 327 23.89 -2.24 -8.05
C ILE B 327 24.25 -3.72 -8.17
N PRO B 328 25.17 -4.23 -7.35
CA PRO B 328 25.75 -5.55 -7.60
C PRO B 328 24.72 -6.67 -7.61
N SER B 329 24.86 -7.58 -8.58
CA SER B 329 23.97 -8.71 -8.73
C SER B 329 24.64 -9.96 -8.17
N CYS B 330 23.89 -11.05 -8.12
CA CYS B 330 24.42 -12.32 -7.65
C CYS B 330 23.88 -13.49 -8.47
CL CL C . 9.06 5.03 -14.80
NA NA D . -9.03 -0.46 -22.14
C02 R1J E . -12.28 9.82 -19.61
C03 R1J E . -11.22 8.98 -19.87
C04 R1J E . -10.02 9.50 -20.33
C05 R1J E . -8.85 8.60 -20.63
C07 R1J E . -7.94 9.15 -18.39
C08 R1J E . -6.64 9.54 -17.69
C10 R1J E . -5.29 8.28 -19.42
C11 R1J E . -6.61 7.77 -19.98
C12 R1J E . -6.50 7.26 -21.43
C14 R1J E . -4.84 6.62 -23.06
C15 R1J E . -5.73 5.46 -23.26
C16 R1J E . -6.41 4.52 -23.44
C20 R1J E . -3.25 9.02 -16.83
C21 R1J E . -2.53 9.24 -15.75
C22 R1J E . -9.91 10.88 -20.52
C23 R1J E . -10.97 11.71 -20.25
C24 R1J E . -12.16 11.17 -19.79
C26 R1J E . -13.91 12.68 -20.53
F01 R1J E . -13.45 9.28 -19.15
F27 R1J E . -15.04 13.23 -20.08
F28 R1J E . -14.25 11.90 -21.54
F29 R1J E . -13.18 13.67 -21.07
N06 R1J E . -7.65 8.79 -19.79
N09 R1J E . -5.62 8.51 -17.99
O13 R1J E . -5.11 7.21 -21.78
O18 R1J E . -5.39 8.14 -15.36
O19 R1J E . -4.29 6.39 -17.09
O25 R1J E . -13.26 12.02 -19.53
S17 R1J E . -4.65 7.89 -16.72
CL CL F . 1.55 -18.09 -1.96
NA NA G . 19.80 -12.66 5.16
C02 R1J H . 15.31 -13.50 15.15
C03 R1J H . 15.27 -13.89 13.84
C04 R1J H . 14.55 -15.01 13.47
C05 R1J H . 14.55 -15.42 12.01
C07 R1J H . 12.32 -14.37 11.86
C08 R1J H . 10.88 -14.63 11.45
C10 R1J H . 11.72 -16.13 9.55
C11 R1J H . 13.16 -15.79 9.97
C12 R1J H . 14.13 -16.90 9.57
C14 R1J H . 14.36 -18.51 7.74
C15 R1J H . 15.62 -17.93 7.29
C16 R1J H . 16.67 -17.47 6.92
C20 R1J H . 8.45 -15.44 8.87
C21 R1J H . 7.26 -15.05 9.25
C22 R1J H . 13.87 -15.73 14.44
C23 R1J H . 13.89 -15.32 15.76
C24 R1J H . 14.62 -14.21 16.11
C26 R1J H . 15.51 -14.40 18.36
F01 R1J H . 16.02 -12.39 15.49
F27 R1J H . 15.55 -13.71 19.51
F28 R1J H . 16.75 -14.46 17.88
F29 R1J H . 15.12 -15.63 18.70
N06 R1J H . 13.21 -15.45 11.40
N09 R1J H . 10.84 -15.05 10.03
O13 R1J H . 13.56 -17.50 8.38
O18 R1J H . 9.20 -12.94 9.61
O19 R1J H . 10.59 -14.12 7.59
O25 R1J H . 14.68 -13.78 17.45
S17 R1J H . 9.78 -14.23 8.95
#